data_7XJN
#
_entry.id   7XJN
#
_cell.length_a   85.640
_cell.length_b   87.410
_cell.length_c   174.430
_cell.angle_alpha   90.000
_cell.angle_beta   90.000
_cell.angle_gamma   90.000
#
_symmetry.space_group_name_H-M   'P 21 21 21'
#
loop_
_entity.id
_entity.type
_entity.pdbx_description
1 polymer 'Putrescine-binding periplasmic protein'
2 non-polymer N-(3-aminopropyl)propane-1,3-diamine
3 non-polymer 'TETRAETHYLENE GLYCOL'
4 non-polymer 'HEXAETHYLENE GLYCOL'
5 water water
#
_entity_poly.entity_id   1
_entity_poly.type   'polypeptide(L)'
_entity_poly.pdbx_seq_one_letter_code
;AMAKDQELYFYNWSEYIPSEVLEDFTKETGIKVIYSTYESNESMYAKLKTQGAGYDLVVPSTYFVSKMRKEGMLQEIDHS
KLSHFKDLDPNYLNKPFDPGNKFSIPYIWGATGIGINTDMLDKKSLKNWGDLWDAKWAGQLMLMDDAREVFHIALSKLGY
SPNTTNPKEIKAAYRELKKLMPNVLVFNSDFPANPYLAGEVSLGMLWNGSAYMARQEGAPIQIIWPEKGTIFWMDSISIP
AGAKNIEAAHKMIDFLLRPENAAKIALEIGYPTPVKTAHDLLPKEFANDPSIYPPQSVIDNGEWQDEVGEASVLYDEYFQ
KLKVND
;
_entity_poly.pdbx_strand_id   A,B,C,D
#
# COMPACT_ATOMS: atom_id res chain seq x y z
N LYS A 4 -10.35 12.31 34.48
CA LYS A 4 -11.46 11.82 33.66
C LYS A 4 -12.46 12.94 33.32
N ASP A 5 -12.79 13.06 32.02
CA ASP A 5 -13.70 14.07 31.44
C ASP A 5 -13.18 15.52 31.55
N GLN A 6 -11.88 15.70 31.88
CA GLN A 6 -11.19 17.00 31.94
C GLN A 6 -10.54 17.29 30.57
N GLU A 7 -10.51 16.29 29.71
CA GLU A 7 -9.99 16.38 28.36
C GLU A 7 -10.83 15.57 27.40
N LEU A 8 -10.66 15.83 26.10
CA LEU A 8 -11.41 15.17 25.07
C LEU A 8 -10.51 14.92 23.87
N TYR A 9 -10.39 13.64 23.43
CA TYR A 9 -9.61 13.28 22.25
C TYR A 9 -10.59 13.15 21.12
N PHE A 10 -10.56 14.12 20.19
CA PHE A 10 -11.53 14.22 19.11
C PHE A 10 -10.86 14.12 17.76
N TYR A 11 -11.23 13.10 16.99
CA TYR A 11 -10.67 12.81 15.66
C TYR A 11 -11.78 13.09 14.63
N ASN A 12 -11.55 14.05 13.72
CA ASN A 12 -12.62 14.46 12.80
C ASN A 12 -12.11 14.76 11.41
N TRP A 13 -13.00 14.96 10.44
CA TRP A 13 -12.61 15.36 9.09
C TRP A 13 -12.01 16.76 9.12
N SER A 14 -11.09 17.03 8.20
CA SER A 14 -10.56 18.38 8.04
C SER A 14 -11.72 19.25 7.50
N GLU A 15 -11.57 20.58 7.58
CA GLU A 15 -12.52 21.62 7.16
C GLU A 15 -13.66 21.90 8.15
N TYR A 16 -14.15 20.88 8.87
CA TYR A 16 -15.37 20.96 9.67
C TYR A 16 -15.36 21.89 10.87
N ILE A 17 -14.28 21.92 11.67
CA ILE A 17 -14.34 22.73 12.86
C ILE A 17 -13.30 23.85 12.85
N PRO A 18 -13.78 25.12 12.72
CA PRO A 18 -12.86 26.26 12.86
C PRO A 18 -12.24 26.28 14.25
N SER A 19 -10.96 26.68 14.33
CA SER A 19 -10.21 26.72 15.59
C SER A 19 -10.94 27.47 16.72
N GLU A 20 -11.63 28.58 16.39
CA GLU A 20 -12.36 29.40 17.35
C GLU A 20 -13.47 28.62 18.05
N VAL A 21 -14.10 27.69 17.32
CA VAL A 21 -15.18 26.87 17.86
C VAL A 21 -14.67 25.97 18.98
N LEU A 22 -13.48 25.35 18.81
CA LEU A 22 -12.90 24.50 19.87
C LEU A 22 -12.51 25.35 21.09
N GLU A 23 -11.99 26.57 20.85
CA GLU A 23 -11.64 27.53 21.91
C GLU A 23 -12.90 27.84 22.73
N ASP A 24 -14.04 28.07 22.02
CA ASP A 24 -15.33 28.38 22.65
C ASP A 24 -15.82 27.21 23.49
N PHE A 25 -15.66 25.96 22.99
CA PHE A 25 -16.06 24.76 23.74
C PHE A 25 -15.30 24.67 25.07
N THR A 26 -13.95 24.82 25.00
CA THR A 26 -13.06 24.78 26.18
C THR A 26 -13.40 25.92 27.16
N LYS A 27 -13.71 27.12 26.62
CA LYS A 27 -14.08 28.30 27.42
C LYS A 27 -15.35 27.98 28.24
N GLU A 28 -16.35 27.39 27.58
CA GLU A 28 -17.64 27.04 28.15
C GLU A 28 -17.60 25.88 29.16
N THR A 29 -16.84 24.81 28.87
CA THR A 29 -16.82 23.59 29.68
C THR A 29 -15.61 23.38 30.59
N GLY A 30 -14.49 24.01 30.26
CA GLY A 30 -13.23 23.82 30.95
C GLY A 30 -12.50 22.56 30.48
N ILE A 31 -13.06 21.90 29.44
CA ILE A 31 -12.52 20.65 28.88
C ILE A 31 -11.53 20.98 27.76
N LYS A 32 -10.29 20.53 27.93
CA LYS A 32 -9.21 20.66 26.94
C LYS A 32 -9.53 19.72 25.76
N VAL A 33 -9.43 20.21 24.52
CA VAL A 33 -9.67 19.35 23.36
C VAL A 33 -8.34 19.02 22.68
N ILE A 34 -8.05 17.72 22.56
CA ILE A 34 -6.87 17.23 21.83
C ILE A 34 -7.46 16.83 20.49
N TYR A 35 -7.36 17.74 19.53
CA TYR A 35 -8.00 17.61 18.24
C TYR A 35 -7.05 17.18 17.13
N SER A 36 -7.53 16.28 16.25
CA SER A 36 -6.74 15.86 15.10
C SER A 36 -7.67 15.56 13.97
N THR A 37 -7.15 15.61 12.73
CA THR A 37 -8.02 15.44 11.57
C THR A 37 -7.57 14.35 10.61
N TYR A 38 -8.51 13.93 9.77
CA TYR A 38 -8.27 12.96 8.71
C TYR A 38 -8.98 13.43 7.42
N GLU A 39 -8.61 12.81 6.30
CA GLU A 39 -9.12 13.14 4.97
C GLU A 39 -10.05 12.07 4.40
N SER A 40 -10.13 10.89 5.05
CA SER A 40 -10.98 9.81 4.54
C SER A 40 -11.37 8.86 5.66
N ASN A 41 -12.45 8.11 5.46
CA ASN A 41 -12.90 7.09 6.41
C ASN A 41 -11.84 6.05 6.50
N GLU A 42 -11.20 5.72 5.36
CA GLU A 42 -10.18 4.66 5.28
C GLU A 42 -8.96 5.00 6.14
N SER A 43 -8.52 6.26 6.12
CA SER A 43 -7.41 6.73 6.98
C SER A 43 -7.82 6.74 8.46
N MET A 44 -9.04 7.23 8.75
CA MET A 44 -9.59 7.25 10.11
C MET A 44 -9.64 5.82 10.68
N TYR A 45 -10.21 4.91 9.89
CA TYR A 45 -10.41 3.53 10.29
C TYR A 45 -9.07 2.83 10.57
N ALA A 46 -8.09 2.99 9.65
CA ALA A 46 -6.75 2.38 9.79
C ALA A 46 -6.11 2.84 11.10
N LYS A 47 -6.28 4.13 11.44
CA LYS A 47 -5.75 4.72 12.65
C LYS A 47 -6.41 4.11 13.89
N LEU A 48 -7.75 4.01 13.92
CA LEU A 48 -8.47 3.42 15.05
C LEU A 48 -8.10 1.95 15.26
N LYS A 49 -7.82 1.20 14.17
CA LYS A 49 -7.41 -0.21 14.26
C LYS A 49 -6.02 -0.38 14.87
N THR A 50 -5.07 0.49 14.48
CA THR A 50 -3.68 0.48 14.96
C THR A 50 -3.63 0.81 16.44
N GLN A 51 -4.25 1.94 16.84
CA GLN A 51 -4.23 2.43 18.22
C GLN A 51 -5.13 1.63 19.17
N GLY A 52 -6.26 1.11 18.67
CA GLY A 52 -7.23 0.36 19.45
C GLY A 52 -8.17 1.26 20.24
N ALA A 53 -7.58 2.13 21.08
CA ALA A 53 -8.26 3.13 21.91
C ALA A 53 -7.56 4.49 21.71
N GLY A 54 -7.76 5.44 22.62
CA GLY A 54 -7.15 6.76 22.50
C GLY A 54 -8.03 7.88 21.98
N TYR A 55 -9.24 7.56 21.45
CA TYR A 55 -10.18 8.60 20.98
C TYR A 55 -11.52 8.54 21.68
N ASP A 56 -12.07 9.70 22.01
CA ASP A 56 -13.38 9.84 22.64
C ASP A 56 -14.48 10.09 21.63
N LEU A 57 -14.11 10.66 20.47
CA LEU A 57 -15.05 10.95 19.40
C LEU A 57 -14.38 10.68 18.09
N VAL A 58 -15.16 10.17 17.14
CA VAL A 58 -14.74 9.91 15.78
C VAL A 58 -15.94 10.22 14.88
N VAL A 59 -15.70 10.53 13.59
CA VAL A 59 -16.80 10.97 12.72
C VAL A 59 -16.90 10.14 11.42
N PRO A 60 -17.45 8.90 11.48
CA PRO A 60 -17.55 8.12 10.25
C PRO A 60 -18.63 8.62 9.32
N SER A 61 -18.45 8.39 8.01
CA SER A 61 -19.56 8.60 7.09
C SER A 61 -20.56 7.47 7.39
N THR A 62 -21.83 7.65 7.03
CA THR A 62 -22.87 6.66 7.32
C THR A 62 -22.57 5.26 6.79
N TYR A 63 -21.84 5.18 5.64
CA TYR A 63 -21.48 3.89 5.03
C TYR A 63 -20.37 3.15 5.78
N PHE A 64 -19.85 3.73 6.89
CA PHE A 64 -18.87 3.07 7.75
C PHE A 64 -19.47 2.69 9.10
N VAL A 65 -20.63 3.24 9.47
CA VAL A 65 -21.22 3.04 10.79
C VAL A 65 -21.53 1.56 11.10
N SER A 66 -22.28 0.86 10.21
CA SER A 66 -22.64 -0.54 10.43
C SER A 66 -21.40 -1.43 10.58
N LYS A 67 -20.38 -1.23 9.72
CA LYS A 67 -19.11 -1.96 9.73
C LYS A 67 -18.42 -1.79 11.10
N MET A 68 -18.28 -0.53 11.55
CA MET A 68 -17.62 -0.22 12.83
C MET A 68 -18.38 -0.76 14.02
N ARG A 69 -19.71 -0.71 13.98
CA ARG A 69 -20.54 -1.25 15.05
C ARG A 69 -20.33 -2.78 15.14
N LYS A 70 -20.42 -3.48 13.98
CA LYS A 70 -20.25 -4.95 13.90
C LYS A 70 -18.87 -5.42 14.35
N GLU A 71 -17.85 -4.56 14.19
CA GLU A 71 -16.48 -4.88 14.57
C GLU A 71 -16.16 -4.53 16.03
N GLY A 72 -17.17 -4.07 16.78
CA GLY A 72 -17.05 -3.71 18.20
C GLY A 72 -16.23 -2.45 18.43
N MET A 73 -16.16 -1.58 17.41
CA MET A 73 -15.34 -0.36 17.49
C MET A 73 -16.05 0.82 18.13
N LEU A 74 -17.39 0.75 18.29
CA LEU A 74 -18.17 1.87 18.82
C LEU A 74 -18.97 1.52 20.07
N GLN A 75 -19.43 2.54 20.79
CA GLN A 75 -20.30 2.32 21.93
C GLN A 75 -21.60 3.13 21.78
N GLU A 76 -22.63 2.71 22.47
CA GLU A 76 -23.94 3.36 22.43
C GLU A 76 -23.88 4.81 22.95
N ILE A 77 -24.58 5.70 22.25
CA ILE A 77 -24.69 7.11 22.57
C ILE A 77 -25.98 7.32 23.36
N ASP A 78 -25.87 8.04 24.48
CA ASP A 78 -27.00 8.34 25.35
C ASP A 78 -27.71 9.63 24.90
N HIS A 79 -28.89 9.50 24.27
CA HIS A 79 -29.67 10.65 23.79
C HIS A 79 -30.09 11.59 24.90
N SER A 80 -30.26 11.08 26.15
CA SER A 80 -30.66 11.89 27.30
C SER A 80 -29.58 12.91 27.70
N LYS A 81 -28.32 12.67 27.28
CA LYS A 81 -27.20 13.59 27.51
C LYS A 81 -27.12 14.64 26.38
N LEU A 82 -28.00 14.51 25.35
CA LEU A 82 -28.01 15.42 24.20
C LEU A 82 -29.30 16.23 24.18
N SER A 83 -29.28 17.39 24.88
CA SER A 83 -30.46 18.28 24.97
C SER A 83 -30.92 18.78 23.59
N HIS A 84 -30.01 18.82 22.59
CA HIS A 84 -30.34 19.28 21.25
C HIS A 84 -30.65 18.16 20.26
N PHE A 85 -30.82 16.91 20.73
CA PHE A 85 -31.17 15.79 19.84
C PHE A 85 -32.50 16.11 19.12
N LYS A 86 -33.45 16.78 19.83
CA LYS A 86 -34.76 17.20 19.32
C LYS A 86 -34.65 18.17 18.13
N ASP A 87 -33.50 18.85 17.99
CA ASP A 87 -33.23 19.82 16.92
C ASP A 87 -32.85 19.18 15.60
N LEU A 88 -32.49 17.88 15.63
CA LEU A 88 -32.13 17.15 14.41
C LEU A 88 -33.34 16.99 13.49
N ASP A 89 -33.10 17.00 12.18
CA ASP A 89 -34.14 16.80 11.17
C ASP A 89 -34.48 15.29 11.15
N PRO A 90 -35.76 14.93 11.37
CA PRO A 90 -36.15 13.50 11.37
C PRO A 90 -35.84 12.73 10.10
N ASN A 91 -35.73 13.43 8.95
CA ASN A 91 -35.43 12.84 7.64
C ASN A 91 -34.02 12.25 7.54
N TYR A 92 -33.13 12.61 8.48
CA TYR A 92 -31.75 12.13 8.52
C TYR A 92 -31.53 11.14 9.67
N LEU A 93 -32.61 10.85 10.40
CA LEU A 93 -32.59 9.95 11.55
C LEU A 93 -33.15 8.57 11.26
N ASN A 94 -32.79 7.60 12.15
CA ASN A 94 -33.33 6.25 12.20
C ASN A 94 -33.32 5.52 10.85
N LYS A 95 -32.14 5.42 10.24
CA LYS A 95 -31.96 4.73 8.97
C LYS A 95 -31.46 3.31 9.22
N PRO A 96 -31.58 2.36 8.25
CA PRO A 96 -31.07 0.98 8.48
C PRO A 96 -29.60 0.86 8.90
N PHE A 97 -28.73 1.84 8.53
CA PHE A 97 -27.30 1.77 8.94
C PHE A 97 -27.13 1.91 10.46
N ASP A 98 -28.13 2.54 11.14
CA ASP A 98 -28.10 2.76 12.59
C ASP A 98 -29.50 3.01 13.14
N PRO A 99 -30.32 1.94 13.28
CA PRO A 99 -31.69 2.15 13.79
C PRO A 99 -31.69 2.76 15.20
N GLY A 100 -32.54 3.77 15.39
CA GLY A 100 -32.67 4.51 16.63
C GLY A 100 -31.49 5.38 16.98
N ASN A 101 -30.53 5.55 16.04
CA ASN A 101 -29.30 6.34 16.24
C ASN A 101 -28.58 5.95 17.54
N LYS A 102 -28.46 4.63 17.76
CA LYS A 102 -27.80 4.12 18.97
C LYS A 102 -26.29 4.37 18.90
N PHE A 103 -25.69 4.37 17.72
CA PHE A 103 -24.24 4.47 17.57
C PHE A 103 -23.70 5.69 16.82
N SER A 104 -24.61 6.51 16.24
CA SER A 104 -24.19 7.65 15.44
C SER A 104 -25.20 8.80 15.51
N ILE A 105 -24.71 10.03 15.42
CA ILE A 105 -25.54 11.24 15.46
C ILE A 105 -25.27 12.01 14.17
N PRO A 106 -26.31 12.30 13.34
CA PRO A 106 -26.08 13.09 12.11
C PRO A 106 -25.43 14.42 12.45
N TYR A 107 -24.43 14.79 11.64
CA TYR A 107 -23.61 15.94 11.93
C TYR A 107 -23.46 16.88 10.74
N ILE A 108 -22.97 16.36 9.61
CA ILE A 108 -22.83 17.17 8.39
C ILE A 108 -23.27 16.32 7.21
N TRP A 109 -24.05 16.87 6.27
CA TRP A 109 -24.31 16.16 5.02
C TRP A 109 -23.77 17.05 3.91
N GLY A 110 -23.38 16.44 2.81
CA GLY A 110 -22.87 17.19 1.68
C GLY A 110 -22.95 16.39 0.39
N ALA A 111 -22.38 16.95 -0.67
CA ALA A 111 -22.42 16.32 -1.98
C ALA A 111 -21.15 16.61 -2.77
N THR A 112 -20.82 15.73 -3.72
CA THR A 112 -19.68 15.89 -4.59
C THR A 112 -20.16 16.04 -6.00
N GLY A 113 -19.66 17.09 -6.64
CA GLY A 113 -19.93 17.37 -8.03
C GLY A 113 -18.64 17.63 -8.74
N ILE A 114 -18.74 18.36 -9.85
CA ILE A 114 -17.58 18.76 -10.62
C ILE A 114 -17.24 20.21 -10.25
N GLY A 115 -16.08 20.40 -9.64
CA GLY A 115 -15.57 21.72 -9.29
C GLY A 115 -15.01 22.38 -10.53
N ILE A 116 -15.35 23.66 -10.73
CA ILE A 116 -14.89 24.38 -11.90
C ILE A 116 -14.54 25.85 -11.58
N ASN A 117 -13.41 26.32 -12.15
CA ASN A 117 -13.00 27.72 -12.05
C ASN A 117 -13.59 28.38 -13.30
N THR A 118 -14.65 29.19 -13.11
CA THR A 118 -15.41 29.82 -14.20
C THR A 118 -14.63 30.93 -14.94
N ASP A 119 -13.52 31.45 -14.37
CA ASP A 119 -12.69 32.44 -15.06
C ASP A 119 -11.73 31.72 -16.03
N MET A 120 -11.51 30.42 -15.80
CA MET A 120 -10.57 29.60 -16.56
C MET A 120 -11.24 28.71 -17.59
N LEU A 121 -12.41 28.16 -17.24
CA LEU A 121 -13.10 27.18 -18.07
C LEU A 121 -14.58 27.47 -18.18
N ASP A 122 -15.21 26.81 -19.16
CA ASP A 122 -16.62 26.92 -19.57
C ASP A 122 -17.55 25.89 -18.91
N LYS A 123 -18.60 26.38 -18.22
CA LYS A 123 -19.58 25.56 -17.50
C LYS A 123 -20.35 24.55 -18.39
N LYS A 124 -20.82 24.99 -19.58
CA LYS A 124 -21.59 24.15 -20.51
C LYS A 124 -20.79 22.95 -21.10
N SER A 125 -19.45 22.97 -20.99
CA SER A 125 -18.61 21.90 -21.55
C SER A 125 -18.61 20.59 -20.72
N LEU A 126 -19.23 20.58 -19.50
CA LEU A 126 -19.29 19.38 -18.66
C LEU A 126 -20.67 19.19 -18.03
N LYS A 127 -21.26 17.99 -18.23
CA LYS A 127 -22.60 17.64 -17.74
C LYS A 127 -22.62 16.35 -16.92
N ASN A 128 -21.65 15.45 -17.18
CA ASN A 128 -21.57 14.14 -16.53
C ASN A 128 -20.17 13.76 -16.07
N TRP A 129 -20.09 12.76 -15.17
CA TRP A 129 -18.78 12.28 -14.67
C TRP A 129 -17.87 11.83 -15.81
N GLY A 130 -18.43 11.16 -16.80
CA GLY A 130 -17.72 10.64 -17.97
C GLY A 130 -16.99 11.69 -18.77
N ASP A 131 -17.43 12.96 -18.70
CA ASP A 131 -16.79 14.10 -19.37
C ASP A 131 -15.36 14.36 -18.86
N LEU A 132 -15.08 13.95 -17.60
CA LEU A 132 -13.74 14.09 -17.00
C LEU A 132 -12.68 13.20 -17.71
N TRP A 133 -13.14 12.15 -18.42
CA TRP A 133 -12.27 11.23 -19.15
C TRP A 133 -11.79 11.81 -20.49
N ASP A 134 -12.36 12.95 -20.93
CA ASP A 134 -11.97 13.57 -22.22
C ASP A 134 -10.47 13.83 -22.27
N ALA A 135 -9.85 13.57 -23.44
CA ALA A 135 -8.41 13.73 -23.65
C ALA A 135 -7.90 15.13 -23.36
N LYS A 136 -8.73 16.18 -23.57
CA LYS A 136 -8.35 17.58 -23.32
C LYS A 136 -8.00 17.91 -21.85
N TRP A 137 -8.36 17.01 -20.91
CA TRP A 137 -8.10 17.20 -19.48
C TRP A 137 -6.78 16.58 -19.02
N ALA A 138 -5.87 16.21 -19.96
CA ALA A 138 -4.57 15.61 -19.62
C ALA A 138 -3.80 16.41 -18.56
N GLY A 139 -3.44 15.74 -17.46
CA GLY A 139 -2.70 16.29 -16.32
C GLY A 139 -3.31 17.52 -15.66
N GLN A 140 -4.65 17.63 -15.66
CA GLN A 140 -5.30 18.82 -15.15
C GLN A 140 -6.25 18.63 -13.95
N LEU A 141 -6.69 17.41 -13.66
CA LEU A 141 -7.75 17.20 -12.68
C LEU A 141 -7.33 16.97 -11.27
N MET A 142 -8.23 17.35 -10.36
CA MET A 142 -8.09 16.96 -8.96
C MET A 142 -9.20 15.93 -8.75
N LEU A 143 -8.87 14.82 -8.11
CA LEU A 143 -9.90 13.85 -7.73
C LEU A 143 -9.90 13.85 -6.22
N MET A 144 -11.01 13.42 -5.61
CA MET A 144 -11.05 13.31 -4.16
C MET A 144 -10.13 12.14 -3.77
N ASP A 145 -9.50 12.24 -2.58
CA ASP A 145 -8.62 11.15 -2.11
C ASP A 145 -9.53 10.20 -1.31
N ASP A 146 -10.43 9.52 -2.03
CA ASP A 146 -11.47 8.74 -1.41
C ASP A 146 -11.84 7.58 -2.33
N ALA A 147 -11.55 6.35 -1.90
CA ALA A 147 -11.81 5.13 -2.68
C ALA A 147 -13.25 5.06 -3.19
N ARG A 148 -14.22 5.21 -2.29
CA ARG A 148 -15.62 5.09 -2.68
C ARG A 148 -16.11 6.21 -3.60
N GLU A 149 -15.65 7.47 -3.40
CA GLU A 149 -16.09 8.54 -4.28
C GLU A 149 -15.50 8.38 -5.68
N VAL A 150 -14.20 8.03 -5.79
CA VAL A 150 -13.54 7.85 -7.08
C VAL A 150 -14.17 6.66 -7.85
N PHE A 151 -14.45 5.56 -7.15
CA PHE A 151 -15.13 4.41 -7.77
C PHE A 151 -16.58 4.75 -8.12
N HIS A 152 -17.25 5.58 -7.30
CA HIS A 152 -18.63 6.03 -7.54
C HIS A 152 -18.74 6.64 -8.94
N ILE A 153 -17.80 7.55 -9.31
CA ILE A 153 -17.87 8.25 -10.59
C ILE A 153 -17.65 7.28 -11.77
N ALA A 154 -16.75 6.29 -11.64
CA ALA A 154 -16.49 5.30 -12.69
C ALA A 154 -17.66 4.31 -12.82
N LEU A 155 -18.21 3.84 -11.67
CA LEU A 155 -19.37 2.95 -11.67
C LEU A 155 -20.59 3.64 -12.30
N SER A 156 -20.78 4.93 -11.97
CA SER A 156 -21.85 5.75 -12.55
C SER A 156 -21.66 5.83 -14.07
N LYS A 157 -20.42 6.14 -14.52
CA LYS A 157 -20.08 6.23 -15.94
C LYS A 157 -20.44 4.92 -16.68
N LEU A 158 -20.15 3.77 -16.04
CA LEU A 158 -20.41 2.43 -16.61
C LEU A 158 -21.86 1.97 -16.51
N GLY A 159 -22.69 2.69 -15.77
CA GLY A 159 -24.10 2.33 -15.59
C GLY A 159 -24.34 1.32 -14.49
N TYR A 160 -23.34 1.10 -13.62
CA TYR A 160 -23.42 0.19 -12.49
C TYR A 160 -23.76 0.95 -11.22
N SER A 161 -24.24 0.24 -10.20
CA SER A 161 -24.52 0.92 -8.94
C SER A 161 -23.23 1.42 -8.32
N PRO A 162 -23.18 2.70 -7.87
CA PRO A 162 -21.98 3.18 -7.17
C PRO A 162 -21.82 2.52 -5.80
N ASN A 163 -22.79 1.68 -5.41
CA ASN A 163 -22.80 0.90 -4.16
C ASN A 163 -22.76 -0.62 -4.44
N THR A 164 -22.28 -1.00 -5.63
CA THR A 164 -22.17 -2.41 -6.00
C THR A 164 -21.25 -3.22 -5.08
N THR A 165 -21.58 -4.51 -4.90
CA THR A 165 -20.74 -5.44 -4.17
C THR A 165 -20.29 -6.53 -5.19
N ASN A 166 -20.58 -6.30 -6.50
CA ASN A 166 -20.22 -7.22 -7.58
C ASN A 166 -18.71 -7.05 -7.94
N PRO A 167 -17.85 -8.06 -7.64
CA PRO A 167 -16.39 -7.90 -7.91
C PRO A 167 -16.03 -7.63 -9.37
N LYS A 168 -16.83 -8.16 -10.33
CA LYS A 168 -16.64 -7.94 -11.77
C LYS A 168 -16.90 -6.45 -12.12
N GLU A 169 -17.93 -5.84 -11.50
CA GLU A 169 -18.26 -4.44 -11.73
C GLU A 169 -17.21 -3.54 -11.08
N ILE A 170 -16.71 -3.92 -9.88
CA ILE A 170 -15.66 -3.17 -9.20
C ILE A 170 -14.39 -3.18 -10.06
N LYS A 171 -14.02 -4.35 -10.59
CA LYS A 171 -12.85 -4.51 -11.47
C LYS A 171 -13.02 -3.70 -12.76
N ALA A 172 -14.24 -3.70 -13.36
CA ALA A 172 -14.54 -2.92 -14.57
C ALA A 172 -14.35 -1.41 -14.27
N ALA A 173 -14.77 -0.94 -13.06
CA ALA A 173 -14.60 0.46 -12.67
C ALA A 173 -13.11 0.78 -12.51
N TYR A 174 -12.31 -0.18 -11.97
CA TYR A 174 -10.87 -0.02 -11.83
C TYR A 174 -10.22 0.17 -13.20
N ARG A 175 -10.57 -0.69 -14.17
CA ARG A 175 -10.06 -0.59 -15.55
C ARG A 175 -10.46 0.75 -16.18
N GLU A 176 -11.70 1.21 -15.91
CA GLU A 176 -12.18 2.50 -16.39
C GLU A 176 -11.37 3.66 -15.78
N LEU A 177 -11.09 3.56 -14.48
CA LEU A 177 -10.29 4.57 -13.75
C LEU A 177 -8.85 4.63 -14.24
N LYS A 178 -8.27 3.50 -14.67
CA LYS A 178 -6.91 3.49 -15.23
C LYS A 178 -6.85 4.41 -16.47
N LYS A 179 -7.95 4.47 -17.26
CA LYS A 179 -8.04 5.34 -18.44
C LYS A 179 -8.15 6.82 -18.06
N LEU A 180 -8.61 7.11 -16.82
CA LEU A 180 -8.74 8.48 -16.31
C LEU A 180 -7.43 9.02 -15.73
N MET A 181 -6.55 8.12 -15.26
CA MET A 181 -5.29 8.48 -14.59
C MET A 181 -4.40 9.48 -15.38
N PRO A 182 -4.29 9.45 -16.75
CA PRO A 182 -3.50 10.49 -17.43
C PRO A 182 -4.03 11.92 -17.23
N ASN A 183 -5.31 12.08 -16.85
CA ASN A 183 -5.93 13.39 -16.61
C ASN A 183 -5.76 13.86 -15.16
N VAL A 184 -5.28 12.98 -14.28
CA VAL A 184 -5.19 13.30 -12.85
C VAL A 184 -3.85 13.92 -12.44
N LEU A 185 -3.93 15.13 -11.87
CA LEU A 185 -2.77 15.81 -11.33
C LEU A 185 -2.58 15.40 -9.86
N VAL A 186 -3.67 15.48 -9.08
CA VAL A 186 -3.65 15.22 -7.64
C VAL A 186 -4.90 14.55 -7.11
N PHE A 187 -4.75 13.86 -5.97
CA PHE A 187 -5.84 13.33 -5.17
C PHE A 187 -5.82 14.16 -3.90
N ASN A 188 -6.92 14.83 -3.57
CA ASN A 188 -6.93 15.66 -2.36
C ASN A 188 -8.31 15.70 -1.71
N SER A 189 -8.38 15.22 -0.45
CA SER A 189 -9.59 15.28 0.39
C SER A 189 -9.24 16.02 1.71
N ASP A 190 -8.02 16.56 1.83
CA ASP A 190 -7.57 17.24 3.04
C ASP A 190 -7.99 18.71 3.02
N PHE A 191 -7.49 19.44 2.02
CA PHE A 191 -7.81 20.86 1.84
C PHE A 191 -8.12 21.03 0.33
N PRO A 192 -9.18 20.31 -0.18
CA PRO A 192 -9.50 20.32 -1.61
C PRO A 192 -9.83 21.67 -2.26
N ALA A 193 -10.24 22.67 -1.49
CA ALA A 193 -10.48 24.02 -2.01
C ALA A 193 -9.15 24.71 -2.40
N ASN A 194 -8.04 24.37 -1.71
CA ASN A 194 -6.73 25.01 -1.88
C ASN A 194 -6.13 24.85 -3.30
N PRO A 195 -6.14 23.67 -3.98
CA PRO A 195 -5.64 23.65 -5.37
C PRO A 195 -6.45 24.54 -6.35
N TYR A 196 -7.78 24.67 -6.10
CA TYR A 196 -8.62 25.51 -6.96
C TYR A 196 -8.30 26.98 -6.67
N LEU A 197 -8.15 27.35 -5.40
CA LEU A 197 -7.78 28.71 -4.97
C LEU A 197 -6.42 29.15 -5.52
N ALA A 198 -5.43 28.22 -5.52
CA ALA A 198 -4.07 28.49 -5.98
C ALA A 198 -3.93 28.50 -7.51
N GLY A 199 -4.95 28.00 -8.20
CA GLY A 199 -4.95 27.90 -9.66
C GLY A 199 -4.11 26.74 -10.16
N GLU A 200 -3.84 25.76 -9.26
CA GLU A 200 -3.09 24.54 -9.59
C GLU A 200 -3.97 23.62 -10.41
N VAL A 201 -5.29 23.69 -10.15
CA VAL A 201 -6.32 22.96 -10.86
C VAL A 201 -7.48 23.93 -11.14
N SER A 202 -8.14 23.73 -12.27
CA SER A 202 -9.31 24.53 -12.66
C SER A 202 -10.56 23.63 -12.76
N LEU A 203 -10.36 22.28 -12.64
CA LEU A 203 -11.42 21.29 -12.80
C LEU A 203 -11.11 20.02 -12.05
N GLY A 204 -12.17 19.27 -11.75
CA GLY A 204 -12.05 17.97 -11.08
C GLY A 204 -13.26 17.69 -10.22
N MET A 205 -13.11 16.75 -9.28
CA MET A 205 -14.19 16.47 -8.34
C MET A 205 -14.06 17.54 -7.26
N LEU A 206 -15.17 17.91 -6.63
CA LEU A 206 -15.13 18.84 -5.51
C LEU A 206 -16.38 18.76 -4.67
N TRP A 207 -16.21 18.83 -3.35
CA TRP A 207 -17.31 18.86 -2.39
C TRP A 207 -17.97 20.25 -2.44
N ASN A 208 -19.28 20.33 -2.20
CA ASN A 208 -20.01 21.60 -2.17
C ASN A 208 -19.42 22.58 -1.13
N GLY A 209 -19.12 22.11 0.09
CA GLY A 209 -18.54 22.95 1.12
C GLY A 209 -17.19 23.56 0.74
N SER A 210 -16.30 22.74 0.17
CA SER A 210 -14.96 23.18 -0.28
C SER A 210 -15.08 24.28 -1.33
N ALA A 211 -15.99 24.10 -2.33
CA ALA A 211 -16.19 25.10 -3.39
C ALA A 211 -16.68 26.44 -2.80
N TYR A 212 -17.57 26.39 -1.79
CA TYR A 212 -18.07 27.60 -1.09
C TYR A 212 -16.92 28.32 -0.38
N MET A 213 -16.08 27.58 0.36
CA MET A 213 -14.94 28.15 1.06
C MET A 213 -14.00 28.87 0.11
N ALA A 214 -13.81 28.29 -1.10
CA ALA A 214 -12.97 28.91 -2.13
C ALA A 214 -13.61 30.24 -2.59
N ARG A 215 -14.96 30.27 -2.77
CA ARG A 215 -15.69 31.49 -3.17
C ARG A 215 -15.58 32.56 -2.09
N GLN A 216 -15.61 32.16 -0.81
CA GLN A 216 -15.50 33.09 0.33
C GLN A 216 -14.13 33.78 0.37
N GLU A 217 -13.10 33.13 -0.20
CA GLU A 217 -11.74 33.64 -0.30
C GLU A 217 -11.50 34.40 -1.61
N GLY A 218 -12.55 34.57 -2.41
CA GLY A 218 -12.49 35.36 -3.63
C GLY A 218 -12.32 34.62 -4.93
N ALA A 219 -12.20 33.28 -4.89
CA ALA A 219 -12.02 32.50 -6.12
C ALA A 219 -13.34 32.09 -6.79
N PRO A 220 -13.43 32.11 -8.13
CA PRO A 220 -14.70 31.78 -8.79
C PRO A 220 -14.88 30.27 -8.97
N ILE A 221 -15.04 29.55 -7.83
CA ILE A 221 -15.17 28.10 -7.84
C ILE A 221 -16.61 27.64 -7.67
N GLN A 222 -17.20 27.20 -8.77
CA GLN A 222 -18.56 26.73 -8.74
C GLN A 222 -18.59 25.20 -8.80
N ILE A 223 -19.79 24.65 -8.62
CA ILE A 223 -20.05 23.21 -8.72
C ILE A 223 -20.99 22.98 -9.89
N ILE A 224 -20.59 22.08 -10.81
CA ILE A 224 -21.44 21.58 -11.89
C ILE A 224 -21.98 20.28 -11.29
N TRP A 225 -23.32 20.17 -11.19
CA TRP A 225 -23.89 18.94 -10.63
C TRP A 225 -24.06 17.90 -11.75
N PRO A 226 -23.30 16.77 -11.75
CA PRO A 226 -23.50 15.76 -12.81
C PRO A 226 -24.97 15.36 -12.92
N GLU A 227 -25.48 15.27 -14.16
CA GLU A 227 -26.90 15.00 -14.44
C GLU A 227 -27.40 13.76 -13.73
N LYS A 228 -26.57 12.73 -13.70
CA LYS A 228 -26.82 11.49 -12.99
C LYS A 228 -25.60 11.13 -12.17
N GLY A 229 -25.80 10.44 -11.07
CA GLY A 229 -24.71 9.97 -10.25
C GLY A 229 -24.03 10.97 -9.35
N THR A 230 -24.65 12.15 -9.08
CA THR A 230 -24.06 13.05 -8.09
C THR A 230 -23.94 12.28 -6.78
N ILE A 231 -22.80 12.46 -6.08
CA ILE A 231 -22.59 11.77 -4.83
C ILE A 231 -23.24 12.54 -3.68
N PHE A 232 -24.02 11.85 -2.87
CA PHE A 232 -24.56 12.39 -1.63
C PHE A 232 -23.95 11.58 -0.50
N TRP A 233 -23.60 12.26 0.60
CA TRP A 233 -23.02 11.57 1.75
C TRP A 233 -23.36 12.30 3.03
N MET A 234 -23.22 11.61 4.15
CA MET A 234 -23.47 12.21 5.46
C MET A 234 -22.44 11.68 6.43
N ASP A 235 -21.90 12.58 7.23
CA ASP A 235 -20.96 12.28 8.30
C ASP A 235 -21.71 12.36 9.62
N SER A 236 -21.48 11.38 10.49
CA SER A 236 -22.14 11.32 11.78
C SER A 236 -21.10 11.19 12.88
N ILE A 237 -21.42 11.66 14.08
CA ILE A 237 -20.49 11.55 15.20
C ILE A 237 -20.76 10.25 15.96
N SER A 238 -19.68 9.54 16.32
CA SER A 238 -19.74 8.29 17.07
C SER A 238 -18.73 8.32 18.21
N ILE A 239 -18.95 7.44 19.22
CA ILE A 239 -18.08 7.34 20.37
C ILE A 239 -17.33 5.99 20.29
N PRO A 240 -15.98 6.01 20.14
CA PRO A 240 -15.25 4.72 20.08
C PRO A 240 -15.43 3.88 21.33
N ALA A 241 -15.40 2.56 21.16
CA ALA A 241 -15.55 1.59 22.26
C ALA A 241 -14.63 1.83 23.48
N GLY A 242 -13.38 2.21 23.23
CA GLY A 242 -12.44 2.41 24.33
C GLY A 242 -12.39 3.80 24.93
N ALA A 243 -13.35 4.70 24.57
CA ALA A 243 -13.37 6.10 25.05
C ALA A 243 -13.29 6.24 26.57
N LYS A 244 -12.40 7.10 27.05
CA LYS A 244 -12.21 7.32 28.48
C LYS A 244 -13.03 8.52 28.99
N ASN A 245 -13.35 9.46 28.10
CA ASN A 245 -14.04 10.70 28.43
C ASN A 245 -15.42 10.79 27.80
N ILE A 246 -16.31 9.90 28.26
CA ILE A 246 -17.68 9.73 27.75
C ILE A 246 -18.56 10.97 28.00
N GLU A 247 -18.43 11.60 29.18
CA GLU A 247 -19.23 12.81 29.49
C GLU A 247 -18.81 13.96 28.60
N ALA A 248 -17.49 14.13 28.42
CA ALA A 248 -16.92 15.16 27.55
C ALA A 248 -17.40 14.91 26.10
N ALA A 249 -17.41 13.63 25.65
CA ALA A 249 -17.84 13.23 24.30
C ALA A 249 -19.29 13.68 24.05
N HIS A 250 -20.20 13.40 24.99
CA HIS A 250 -21.60 13.83 24.86
C HIS A 250 -21.73 15.39 24.90
N LYS A 251 -20.92 16.05 25.75
CA LYS A 251 -20.94 17.51 25.83
C LYS A 251 -20.53 18.14 24.49
N MET A 252 -19.51 17.57 23.82
CA MET A 252 -19.10 18.06 22.49
C MET A 252 -20.18 17.82 21.43
N ILE A 253 -20.78 16.61 21.39
CA ILE A 253 -21.85 16.32 20.41
C ILE A 253 -22.99 17.37 20.61
N ASP A 254 -23.44 17.55 21.85
CA ASP A 254 -24.51 18.51 22.15
C ASP A 254 -24.14 19.96 21.79
N PHE A 255 -22.86 20.32 21.99
CA PHE A 255 -22.33 21.64 21.66
C PHE A 255 -22.43 21.87 20.14
N LEU A 256 -22.08 20.85 19.35
CA LEU A 256 -22.15 20.94 17.88
C LEU A 256 -23.59 20.90 17.37
N LEU A 257 -24.51 20.23 18.12
CA LEU A 257 -25.93 20.16 17.75
C LEU A 257 -26.65 21.48 18.05
N ARG A 258 -26.10 22.29 18.99
CA ARG A 258 -26.70 23.57 19.38
C ARG A 258 -26.97 24.37 18.10
N PRO A 259 -28.25 24.68 17.80
CA PRO A 259 -28.59 25.32 16.52
C PRO A 259 -27.78 26.55 16.16
N GLU A 260 -27.48 27.46 17.15
CA GLU A 260 -26.66 28.64 16.87
C GLU A 260 -25.25 28.26 16.42
N ASN A 261 -24.66 27.18 16.99
CA ASN A 261 -23.35 26.67 16.63
C ASN A 261 -23.38 26.01 15.26
N ALA A 262 -24.33 25.08 15.04
CA ALA A 262 -24.44 24.39 13.73
C ALA A 262 -24.65 25.39 12.58
N ALA A 263 -25.48 26.44 12.79
CA ALA A 263 -25.73 27.44 11.75
C ALA A 263 -24.51 28.32 11.48
N LYS A 264 -23.89 28.85 12.54
CA LYS A 264 -22.68 29.70 12.44
C LYS A 264 -21.56 28.93 11.72
N ILE A 265 -21.34 27.66 12.10
CA ILE A 265 -20.33 26.82 11.49
C ILE A 265 -20.65 26.59 9.99
N ALA A 266 -21.92 26.22 9.66
CA ALA A 266 -22.38 25.98 8.27
C ALA A 266 -22.05 27.20 7.38
N LEU A 267 -22.27 28.43 7.89
CA LEU A 267 -21.96 29.65 7.15
C LEU A 267 -20.46 29.83 6.90
N GLU A 268 -19.61 29.28 7.77
CA GLU A 268 -18.17 29.36 7.59
C GLU A 268 -17.63 28.26 6.68
N ILE A 269 -18.14 27.03 6.80
CA ILE A 269 -17.57 25.87 6.10
C ILE A 269 -18.30 25.49 4.78
N GLY A 270 -19.49 26.04 4.55
CA GLY A 270 -20.25 25.84 3.31
C GLY A 270 -20.99 24.54 3.14
N TYR A 271 -21.14 23.78 4.23
CA TYR A 271 -21.85 22.52 4.15
C TYR A 271 -23.27 22.59 4.69
N PRO A 272 -24.20 21.83 4.08
CA PRO A 272 -25.55 21.74 4.66
C PRO A 272 -25.50 21.09 6.04
N THR A 273 -26.57 21.30 6.81
CA THR A 273 -26.69 20.76 8.17
C THR A 273 -27.94 19.87 8.32
N PRO A 274 -27.82 18.69 8.98
CA PRO A 274 -29.01 17.88 9.27
C PRO A 274 -29.72 18.36 10.54
N VAL A 275 -29.24 19.48 11.17
CA VAL A 275 -29.87 20.04 12.38
C VAL A 275 -30.94 20.98 11.83
N LYS A 276 -32.21 20.54 11.87
CA LYS A 276 -33.36 21.28 11.33
C LYS A 276 -33.44 22.72 11.85
N THR A 277 -33.33 22.87 13.17
CA THR A 277 -33.43 24.18 13.84
C THR A 277 -32.36 25.14 13.32
N ALA A 278 -31.14 24.61 13.08
CA ALA A 278 -30.02 25.36 12.54
C ALA A 278 -30.26 25.70 11.06
N HIS A 279 -30.72 24.71 10.24
CA HIS A 279 -31.05 24.93 8.83
C HIS A 279 -32.01 26.10 8.67
N ASP A 280 -33.02 26.19 9.56
CA ASP A 280 -34.01 27.26 9.57
C ASP A 280 -33.41 28.65 9.90
N LEU A 281 -32.26 28.69 10.58
CA LEU A 281 -31.55 29.93 10.92
C LEU A 281 -30.68 30.44 9.74
N LEU A 282 -30.43 29.60 8.71
CA LEU A 282 -29.58 29.96 7.54
C LEU A 282 -30.21 31.02 6.63
N PRO A 283 -29.42 32.03 6.18
CA PRO A 283 -29.97 33.04 5.26
C PRO A 283 -30.35 32.43 3.90
N LYS A 284 -31.37 33.02 3.24
CA LYS A 284 -31.90 32.59 1.94
C LYS A 284 -30.79 32.45 0.88
N GLU A 285 -29.78 33.36 0.93
CA GLU A 285 -28.60 33.42 0.05
C GLU A 285 -27.80 32.12 0.15
N PHE A 286 -27.68 31.57 1.37
CA PHE A 286 -26.98 30.32 1.61
C PHE A 286 -27.90 29.15 1.26
N ALA A 287 -29.16 29.14 1.78
CA ALA A 287 -30.17 28.10 1.61
C ALA A 287 -30.53 27.82 0.15
N ASN A 288 -30.50 28.85 -0.72
CA ASN A 288 -30.82 28.65 -2.13
C ASN A 288 -29.59 28.83 -3.06
N ASP A 289 -28.34 28.74 -2.50
CA ASP A 289 -27.10 28.79 -3.27
C ASP A 289 -27.07 27.51 -4.14
N PRO A 290 -27.10 27.66 -5.49
CA PRO A 290 -27.15 26.47 -6.36
C PRO A 290 -25.93 25.56 -6.32
N SER A 291 -24.76 26.08 -5.93
CA SER A 291 -23.53 25.30 -5.82
C SER A 291 -23.43 24.54 -4.47
N ILE A 292 -24.37 24.81 -3.54
CA ILE A 292 -24.41 24.13 -2.25
C ILE A 292 -25.51 23.07 -2.29
N TYR A 293 -26.75 23.50 -2.61
CA TYR A 293 -27.93 22.66 -2.58
C TYR A 293 -28.29 22.23 -3.99
N PRO A 294 -28.09 20.95 -4.33
CA PRO A 294 -28.40 20.49 -5.69
C PRO A 294 -29.89 20.58 -6.05
N PRO A 295 -30.21 20.87 -7.33
CA PRO A 295 -31.65 20.90 -7.73
C PRO A 295 -32.31 19.53 -7.62
N GLN A 296 -33.66 19.50 -7.62
CA GLN A 296 -34.40 18.25 -7.48
C GLN A 296 -33.97 17.14 -8.47
N SER A 297 -33.80 17.48 -9.76
CA SER A 297 -33.42 16.50 -10.79
C SER A 297 -32.09 15.81 -10.42
N VAL A 298 -31.14 16.59 -9.89
CA VAL A 298 -29.82 16.10 -9.46
C VAL A 298 -29.98 15.11 -8.28
N ILE A 299 -30.86 15.46 -7.30
CA ILE A 299 -31.17 14.60 -6.14
C ILE A 299 -31.77 13.28 -6.64
N ASP A 300 -32.83 13.38 -7.47
CA ASP A 300 -33.52 12.21 -7.99
C ASP A 300 -32.63 11.23 -8.75
N ASN A 301 -31.63 11.76 -9.48
CA ASN A 301 -30.76 10.95 -10.32
C ASN A 301 -29.40 10.69 -9.69
N GLY A 302 -29.22 11.15 -8.46
CA GLY A 302 -27.98 10.95 -7.72
C GLY A 302 -28.07 9.75 -6.80
N GLU A 303 -27.03 9.49 -6.00
CA GLU A 303 -27.03 8.35 -5.07
C GLU A 303 -26.35 8.67 -3.77
N TRP A 304 -26.98 8.27 -2.64
CA TRP A 304 -26.33 8.36 -1.35
C TRP A 304 -25.31 7.23 -1.30
N GLN A 305 -24.14 7.53 -0.72
CA GLN A 305 -23.11 6.52 -0.54
C GLN A 305 -23.58 5.55 0.53
N ASP A 306 -23.62 4.28 0.17
CA ASP A 306 -24.09 3.21 1.05
C ASP A 306 -22.98 2.20 1.34
N GLU A 307 -23.17 1.40 2.40
CA GLU A 307 -22.25 0.35 2.79
C GLU A 307 -22.13 -0.70 1.69
N VAL A 308 -20.95 -1.32 1.58
CA VAL A 308 -20.66 -2.36 0.59
C VAL A 308 -20.16 -3.63 1.29
N GLY A 309 -20.33 -3.68 2.62
CA GLY A 309 -19.90 -4.80 3.45
C GLY A 309 -18.44 -5.14 3.24
N GLU A 310 -18.12 -6.42 3.08
CA GLU A 310 -16.74 -6.90 2.90
C GLU A 310 -16.10 -6.50 1.57
N ALA A 311 -16.89 -5.99 0.60
CA ALA A 311 -16.36 -5.51 -0.69
C ALA A 311 -15.53 -4.22 -0.50
N SER A 312 -15.60 -3.58 0.68
CA SER A 312 -14.83 -2.37 0.99
C SER A 312 -13.33 -2.61 0.80
N VAL A 313 -12.85 -3.85 1.10
CA VAL A 313 -11.43 -4.19 0.95
C VAL A 313 -11.02 -4.16 -0.53
N LEU A 314 -11.94 -4.59 -1.42
CA LEU A 314 -11.70 -4.63 -2.86
C LEU A 314 -11.59 -3.21 -3.44
N TYR A 315 -12.50 -2.29 -3.05
CA TYR A 315 -12.47 -0.85 -3.41
C TYR A 315 -11.12 -0.25 -2.96
N ASP A 316 -10.70 -0.53 -1.72
CA ASP A 316 -9.44 -0.01 -1.16
C ASP A 316 -8.23 -0.52 -1.92
N GLU A 317 -8.18 -1.83 -2.19
CA GLU A 317 -7.07 -2.48 -2.86
C GLU A 317 -6.86 -1.85 -4.24
N TYR A 318 -7.94 -1.70 -5.01
CA TYR A 318 -7.86 -1.13 -6.33
C TYR A 318 -7.55 0.35 -6.30
N PHE A 319 -8.12 1.09 -5.34
CA PHE A 319 -7.86 2.53 -5.25
C PHE A 319 -6.39 2.76 -4.88
N GLN A 320 -5.84 1.94 -3.98
CA GLN A 320 -4.42 2.05 -3.61
C GLN A 320 -3.53 1.80 -4.82
N LYS A 321 -3.89 0.80 -5.67
CA LYS A 321 -3.19 0.47 -6.93
C LYS A 321 -3.21 1.70 -7.87
N LEU A 322 -4.39 2.36 -8.04
CA LEU A 322 -4.53 3.56 -8.89
C LEU A 322 -3.60 4.68 -8.47
N LYS A 323 -3.51 4.94 -7.15
CA LYS A 323 -2.69 6.02 -6.60
C LYS A 323 -1.18 5.79 -6.76
N VAL A 324 -0.74 4.51 -6.73
CA VAL A 324 0.68 4.13 -6.80
C VAL A 324 1.18 4.04 -8.25
N ASN A 325 0.42 3.32 -9.10
CA ASN A 325 0.77 3.07 -10.51
C ASN A 325 0.57 4.31 -11.36
N ASP B 5 -0.02 -34.85 -17.50
CA ASP B 5 -0.14 -33.42 -17.75
C ASP B 5 -1.14 -32.69 -16.82
N GLN B 6 -2.46 -32.97 -16.93
CA GLN B 6 -3.55 -32.31 -16.17
C GLN B 6 -3.51 -32.50 -14.65
N GLU B 7 -3.74 -31.41 -13.91
CA GLU B 7 -3.77 -31.39 -12.44
C GLU B 7 -4.97 -30.59 -11.93
N LEU B 8 -5.39 -30.87 -10.70
CA LEU B 8 -6.46 -30.17 -10.01
C LEU B 8 -6.05 -29.97 -8.54
N TYR B 9 -6.03 -28.69 -8.08
CA TYR B 9 -5.68 -28.39 -6.68
C TYR B 9 -7.00 -28.17 -5.97
N PHE B 10 -7.38 -29.12 -5.10
CA PHE B 10 -8.68 -29.15 -4.45
C PHE B 10 -8.54 -29.06 -2.92
N TYR B 11 -9.12 -27.97 -2.33
CA TYR B 11 -9.17 -27.71 -0.88
C TYR B 11 -10.56 -28.15 -0.42
N ASN B 12 -10.66 -29.05 0.58
CA ASN B 12 -12.00 -29.45 1.04
C ASN B 12 -12.00 -29.78 2.53
N TRP B 13 -13.19 -29.96 3.11
CA TRP B 13 -13.32 -30.35 4.51
C TRP B 13 -12.82 -31.78 4.65
N SER B 14 -12.28 -32.12 5.82
CA SER B 14 -11.94 -33.50 6.15
C SER B 14 -13.29 -34.27 6.23
N GLU B 15 -13.22 -35.61 6.16
CA GLU B 15 -14.35 -36.58 6.18
C GLU B 15 -15.05 -36.78 4.85
N TYR B 16 -15.18 -35.73 4.03
CA TYR B 16 -16.04 -35.72 2.84
C TYR B 16 -15.66 -36.63 1.68
N ILE B 17 -14.38 -36.72 1.32
CA ILE B 17 -14.03 -37.53 0.17
C ILE B 17 -13.09 -38.67 0.55
N PRO B 18 -13.60 -39.92 0.50
CA PRO B 18 -12.73 -41.09 0.74
C PRO B 18 -11.61 -41.12 -0.32
N SER B 19 -10.39 -41.52 0.07
CA SER B 19 -9.22 -41.59 -0.84
C SER B 19 -9.50 -42.36 -2.16
N GLU B 20 -10.31 -43.44 -2.09
CA GLU B 20 -10.68 -44.28 -3.25
C GLU B 20 -11.46 -43.48 -4.29
N VAL B 21 -12.29 -42.53 -3.82
CA VAL B 21 -13.10 -41.69 -4.68
C VAL B 21 -12.21 -40.77 -5.57
N LEU B 22 -11.13 -40.20 -5.01
CA LEU B 22 -10.20 -39.37 -5.79
C LEU B 22 -9.44 -40.22 -6.80
N GLU B 23 -9.09 -41.47 -6.41
CA GLU B 23 -8.43 -42.44 -7.31
C GLU B 23 -9.35 -42.69 -8.50
N ASP B 24 -10.67 -42.85 -8.25
CA ASP B 24 -11.68 -43.08 -9.28
C ASP B 24 -11.81 -41.89 -10.23
N PHE B 25 -11.77 -40.66 -9.69
CA PHE B 25 -11.82 -39.44 -10.52
C PHE B 25 -10.62 -39.39 -11.49
N THR B 26 -9.41 -39.61 -10.96
CA THR B 26 -8.16 -39.64 -11.74
C THR B 26 -8.19 -40.77 -12.79
N LYS B 27 -8.73 -41.95 -12.43
CA LYS B 27 -8.87 -43.09 -13.33
C LYS B 27 -9.75 -42.68 -14.54
N GLU B 28 -10.89 -42.03 -14.26
CA GLU B 28 -11.88 -41.60 -15.25
C GLU B 28 -11.41 -40.46 -16.16
N THR B 29 -10.73 -39.44 -15.61
CA THR B 29 -10.34 -38.23 -16.33
C THR B 29 -8.86 -38.11 -16.74
N GLY B 30 -7.97 -38.81 -16.05
CA GLY B 30 -6.53 -38.68 -16.22
C GLY B 30 -5.96 -37.48 -15.48
N ILE B 31 -6.81 -36.78 -14.71
CA ILE B 31 -6.44 -35.58 -13.95
C ILE B 31 -5.93 -35.95 -12.56
N LYS B 32 -4.67 -35.59 -12.25
CA LYS B 32 -4.07 -35.81 -10.92
C LYS B 32 -4.73 -34.83 -9.95
N VAL B 33 -5.19 -35.31 -8.75
CA VAL B 33 -5.79 -34.41 -7.75
C VAL B 33 -4.79 -34.16 -6.63
N ILE B 34 -4.42 -32.89 -6.41
CA ILE B 34 -3.55 -32.48 -5.28
C ILE B 34 -4.57 -32.01 -4.24
N TYR B 35 -4.85 -32.90 -3.30
CA TYR B 35 -5.92 -32.72 -2.33
C TYR B 35 -5.45 -32.31 -0.96
N SER B 36 -6.02 -31.20 -0.45
CA SER B 36 -5.67 -30.68 0.87
C SER B 36 -6.93 -30.48 1.70
N THR B 37 -6.88 -30.78 2.99
CA THR B 37 -8.13 -30.63 3.79
C THR B 37 -8.00 -29.58 4.86
N TYR B 38 -9.15 -29.15 5.34
CA TYR B 38 -9.26 -28.21 6.45
C TYR B 38 -10.41 -28.63 7.37
N GLU B 39 -10.43 -28.06 8.58
CA GLU B 39 -11.41 -28.38 9.65
C GLU B 39 -12.43 -27.27 9.88
N SER B 40 -12.21 -26.08 9.26
CA SER B 40 -13.12 -24.95 9.47
C SER B 40 -13.07 -23.98 8.30
N ASN B 41 -14.14 -23.18 8.13
CA ASN B 41 -14.15 -22.12 7.11
C ASN B 41 -13.05 -21.11 7.40
N GLU B 42 -12.79 -20.84 8.70
CA GLU B 42 -11.77 -19.86 9.12
C GLU B 42 -10.36 -20.30 8.70
N SER B 43 -10.04 -21.60 8.83
CA SER B 43 -8.75 -22.13 8.39
C SER B 43 -8.64 -22.14 6.87
N MET B 44 -9.75 -22.55 6.19
CA MET B 44 -9.89 -22.58 4.73
CA MET B 44 -9.87 -22.58 4.73
C MET B 44 -9.57 -21.19 4.18
N TYR B 45 -10.26 -20.17 4.72
CA TYR B 45 -10.15 -18.78 4.34
C TYR B 45 -8.71 -18.27 4.49
N ALA B 46 -7.98 -18.75 5.54
CA ALA B 46 -6.56 -18.42 5.75
C ALA B 46 -5.62 -19.16 4.75
N LYS B 47 -5.95 -20.41 4.35
CA LYS B 47 -5.19 -21.15 3.32
C LYS B 47 -5.33 -20.42 1.97
N LEU B 48 -6.51 -19.78 1.72
CA LEU B 48 -6.71 -19.03 0.48
C LEU B 48 -6.08 -17.64 0.48
N LYS B 49 -6.07 -16.96 1.65
CA LYS B 49 -5.47 -15.63 1.77
C LYS B 49 -3.95 -15.72 1.71
N THR B 50 -3.35 -16.85 2.19
CA THR B 50 -1.90 -17.09 2.16
C THR B 50 -1.52 -18.02 1.01
N TYR B 55 -5.67 -22.27 -5.55
CA TYR B 55 -6.28 -23.56 -5.80
C TYR B 55 -7.39 -23.50 -6.82
N ASP B 56 -7.85 -24.65 -7.28
CA ASP B 56 -8.88 -24.72 -8.32
C ASP B 56 -10.28 -24.89 -7.77
N LEU B 57 -10.39 -25.48 -6.57
CA LEU B 57 -11.67 -25.72 -5.91
C LEU B 57 -11.51 -25.50 -4.44
N VAL B 58 -12.57 -24.99 -3.84
CA VAL B 58 -12.64 -24.77 -2.39
C VAL B 58 -14.11 -25.00 -1.98
N VAL B 59 -14.34 -25.34 -0.70
CA VAL B 59 -15.70 -25.72 -0.29
C VAL B 59 -16.21 -24.88 0.91
N PRO B 60 -16.63 -23.63 0.69
CA PRO B 60 -17.11 -22.85 1.83
C PRO B 60 -18.51 -23.25 2.30
N SER B 61 -18.78 -23.05 3.60
CA SER B 61 -20.14 -23.18 4.08
C SER B 61 -20.88 -21.98 3.47
N THR B 62 -22.23 -22.06 3.35
CA THR B 62 -23.02 -20.99 2.73
C THR B 62 -22.80 -19.62 3.38
N TYR B 63 -22.54 -19.58 4.71
CA TYR B 63 -22.32 -18.33 5.45
C TYR B 63 -20.94 -17.69 5.15
N PHE B 64 -20.11 -18.31 4.28
CA PHE B 64 -18.84 -17.74 3.83
C PHE B 64 -18.89 -17.33 2.37
N VAL B 65 -19.90 -17.79 1.61
CA VAL B 65 -19.97 -17.55 0.16
C VAL B 65 -20.06 -16.05 -0.20
N SER B 66 -21.03 -15.32 0.39
CA SER B 66 -21.19 -13.87 0.11
C SER B 66 -19.93 -13.07 0.46
N LYS B 67 -19.30 -13.37 1.60
CA LYS B 67 -18.06 -12.71 2.06
C LYS B 67 -16.94 -12.91 1.02
N MET B 68 -16.72 -14.16 0.61
CA MET B 68 -15.66 -14.49 -0.36
C MET B 68 -15.92 -13.89 -1.73
N ARG B 69 -17.19 -13.87 -2.16
CA ARG B 69 -17.59 -13.21 -3.42
C ARG B 69 -17.27 -11.71 -3.37
N LYS B 70 -17.71 -11.03 -2.30
CA LYS B 70 -17.51 -9.59 -2.13
C LYS B 70 -16.02 -9.20 -2.07
N GLU B 71 -15.19 -10.12 -1.56
CA GLU B 71 -13.75 -9.87 -1.44
C GLU B 71 -12.95 -10.21 -2.71
N GLY B 72 -13.65 -10.62 -3.78
CA GLY B 72 -13.05 -10.96 -5.07
C GLY B 72 -12.26 -12.26 -5.02
N MET B 73 -12.59 -13.15 -4.07
CA MET B 73 -11.87 -14.40 -3.88
C MET B 73 -12.36 -15.54 -4.77
N LEU B 74 -13.54 -15.38 -5.39
CA LEU B 74 -14.15 -16.45 -6.18
C LEU B 74 -14.41 -16.03 -7.62
N GLN B 75 -14.64 -17.02 -8.49
CA GLN B 75 -15.03 -16.73 -9.86
C GLN B 75 -16.33 -17.47 -10.18
N GLU B 76 -17.02 -16.97 -11.20
CA GLU B 76 -18.27 -17.56 -11.64
C GLU B 76 -18.13 -19.00 -12.15
N ILE B 77 -19.07 -19.86 -11.76
CA ILE B 77 -19.14 -21.25 -12.17
C ILE B 77 -20.07 -21.34 -13.40
N ASP B 78 -19.61 -22.02 -14.48
CA ASP B 78 -20.36 -22.22 -15.70
C ASP B 78 -21.24 -23.48 -15.62
N HIS B 79 -22.56 -23.28 -15.42
CA HIS B 79 -23.56 -24.36 -15.30
C HIS B 79 -23.61 -25.27 -16.53
N SER B 80 -23.25 -24.75 -17.73
CA SER B 80 -23.25 -25.52 -18.98
C SER B 80 -22.19 -26.63 -18.96
N LYS B 81 -21.16 -26.49 -18.10
CA LYS B 81 -20.11 -27.50 -17.93
C LYS B 81 -20.54 -28.54 -16.87
N LEU B 82 -21.73 -28.35 -16.24
CA LEU B 82 -22.23 -29.25 -15.21
C LEU B 82 -23.48 -29.98 -15.68
N SER B 83 -23.28 -31.14 -16.32
CA SER B 83 -24.38 -31.95 -16.85
C SER B 83 -25.34 -32.43 -15.75
N HIS B 84 -24.85 -32.53 -14.48
CA HIS B 84 -25.69 -32.98 -13.37
C HIS B 84 -26.24 -31.84 -12.51
N PHE B 85 -26.15 -30.57 -12.99
CA PHE B 85 -26.74 -29.42 -12.28
C PHE B 85 -28.25 -29.66 -12.10
N LYS B 86 -28.91 -30.25 -13.11
CA LYS B 86 -30.35 -30.60 -13.11
C LYS B 86 -30.73 -31.60 -11.99
N ASP B 87 -29.74 -32.36 -11.47
CA ASP B 87 -29.94 -33.34 -10.39
C ASP B 87 -30.00 -32.70 -9.00
N LEU B 88 -29.56 -31.42 -8.85
CA LEU B 88 -29.64 -30.68 -7.59
C LEU B 88 -31.11 -30.49 -7.19
N ASP B 89 -31.40 -30.58 -5.88
CA ASP B 89 -32.73 -30.32 -5.35
C ASP B 89 -32.97 -28.79 -5.43
N PRO B 90 -34.04 -28.34 -6.12
CA PRO B 90 -34.32 -26.88 -6.23
C PRO B 90 -34.45 -26.13 -4.91
N ASN B 91 -34.82 -26.84 -3.81
CA ASN B 91 -34.97 -26.27 -2.47
C ASN B 91 -33.67 -25.78 -1.84
N TYR B 92 -32.52 -26.21 -2.37
CA TYR B 92 -31.21 -25.80 -1.86
C TYR B 92 -30.58 -24.76 -2.82
N LEU B 93 -31.26 -24.45 -3.94
CA LEU B 93 -30.76 -23.55 -4.97
C LEU B 93 -31.30 -22.14 -4.92
N ASN B 94 -30.57 -21.20 -5.56
CA ASN B 94 -30.98 -19.80 -5.74
C ASN B 94 -31.43 -19.08 -4.45
N LYS B 95 -30.53 -19.04 -3.47
CA LYS B 95 -30.81 -18.40 -2.20
C LYS B 95 -30.13 -17.02 -2.13
N PRO B 96 -30.49 -16.11 -1.19
CA PRO B 96 -29.84 -14.79 -1.16
C PRO B 96 -28.31 -14.77 -1.03
N PHE B 97 -27.69 -15.81 -0.38
CA PHE B 97 -26.24 -15.86 -0.25
C PHE B 97 -25.52 -16.03 -1.60
N ASP B 98 -26.25 -16.57 -2.62
CA ASP B 98 -25.71 -16.77 -3.96
C ASP B 98 -26.83 -16.91 -5.00
N PRO B 99 -27.47 -15.77 -5.39
CA PRO B 99 -28.55 -15.85 -6.38
C PRO B 99 -28.08 -16.43 -7.70
N GLY B 100 -28.86 -17.36 -8.25
CA GLY B 100 -28.57 -18.06 -9.49
C GLY B 100 -27.40 -19.03 -9.42
N ASN B 101 -26.88 -19.31 -8.19
CA ASN B 101 -25.72 -20.19 -7.96
C ASN B 101 -24.55 -19.83 -8.87
N LYS B 102 -24.27 -18.51 -9.01
CA LYS B 102 -23.18 -18.04 -9.86
C LYS B 102 -21.83 -18.39 -9.27
N PHE B 103 -21.70 -18.46 -7.93
CA PHE B 103 -20.41 -18.69 -7.28
C PHE B 103 -20.30 -19.95 -6.43
N SER B 104 -21.39 -20.69 -6.25
CA SER B 104 -21.37 -21.88 -5.38
C SER B 104 -22.37 -22.94 -5.85
N ILE B 105 -22.02 -24.23 -5.63
CA ILE B 105 -22.87 -25.37 -5.99
C ILE B 105 -23.13 -26.18 -4.71
N PRO B 106 -24.42 -26.39 -4.32
CA PRO B 106 -24.72 -27.20 -3.12
C PRO B 106 -24.06 -28.56 -3.22
N TYR B 107 -23.47 -29.00 -2.11
CA TYR B 107 -22.65 -30.20 -2.14
C TYR B 107 -23.00 -31.16 -0.99
N ILE B 108 -22.91 -30.68 0.25
CA ILE B 108 -23.22 -31.50 1.44
C ILE B 108 -23.98 -30.63 2.43
N TRP B 109 -25.06 -31.14 3.02
CA TRP B 109 -25.69 -30.41 4.12
C TRP B 109 -25.65 -31.33 5.32
N GLY B 110 -25.62 -30.75 6.51
CA GLY B 110 -25.59 -31.53 7.74
C GLY B 110 -26.09 -30.73 8.92
N ALA B 111 -26.00 -31.32 10.10
CA ALA B 111 -26.46 -30.70 11.33
C ALA B 111 -25.60 -31.07 12.52
N THR B 112 -25.60 -30.21 13.54
CA THR B 112 -24.86 -30.45 14.78
C THR B 112 -25.85 -30.57 15.93
N GLY B 113 -25.71 -31.64 16.68
CA GLY B 113 -26.51 -31.91 17.87
C GLY B 113 -25.59 -32.29 19.01
N ILE B 114 -26.14 -33.00 19.99
CA ILE B 114 -25.38 -33.50 21.12
C ILE B 114 -25.03 -34.97 20.86
N GLY B 115 -23.74 -35.25 20.69
CA GLY B 115 -23.24 -36.61 20.50
C GLY B 115 -23.24 -37.33 21.84
N ILE B 116 -23.71 -38.57 21.86
CA ILE B 116 -23.79 -39.34 23.10
C ILE B 116 -23.47 -40.83 22.88
N ASN B 117 -22.66 -41.40 23.80
CA ASN B 117 -22.32 -42.83 23.83
C ASN B 117 -23.38 -43.44 24.75
N THR B 118 -24.41 -44.07 24.14
CA THR B 118 -25.58 -44.65 24.81
C THR B 118 -25.26 -45.80 25.80
N ASP B 119 -24.10 -46.45 25.68
CA ASP B 119 -23.67 -47.53 26.60
C ASP B 119 -23.11 -46.93 27.89
N MET B 120 -22.66 -45.66 27.82
CA MET B 120 -22.04 -44.94 28.91
C MET B 120 -22.98 -43.99 29.65
N LEU B 121 -23.85 -43.28 28.91
CA LEU B 121 -24.76 -42.29 29.50
C LEU B 121 -26.20 -42.46 29.06
N ASP B 122 -27.14 -41.84 29.80
CA ASP B 122 -28.56 -41.88 29.48
C ASP B 122 -28.93 -40.62 28.71
N LYS B 123 -29.61 -40.80 27.57
CA LYS B 123 -30.03 -39.73 26.65
C LYS B 123 -31.25 -38.92 27.12
N LYS B 124 -31.81 -39.24 28.30
CA LYS B 124 -32.98 -38.54 28.87
C LYS B 124 -32.63 -37.31 29.72
N SER B 125 -31.38 -37.24 30.23
CA SER B 125 -30.89 -36.13 31.05
C SER B 125 -30.59 -34.88 30.23
N LEU B 126 -30.28 -35.06 28.93
CA LEU B 126 -29.94 -33.96 28.03
C LEU B 126 -31.03 -33.66 27.01
N LYS B 127 -31.46 -32.38 26.97
CA LYS B 127 -32.51 -31.90 26.08
C LYS B 127 -32.15 -30.62 25.33
N ASN B 128 -31.39 -29.71 25.99
CA ASN B 128 -30.96 -28.41 25.44
C ASN B 128 -29.45 -28.24 25.50
N TRP B 129 -28.90 -27.28 24.70
CA TRP B 129 -27.47 -26.95 24.70
C TRP B 129 -27.00 -26.56 26.11
N GLY B 130 -27.83 -25.80 26.84
CA GLY B 130 -27.54 -25.34 28.19
C GLY B 130 -27.25 -26.44 29.21
N ASP B 131 -27.74 -27.68 28.94
CA ASP B 131 -27.51 -28.84 29.80
C ASP B 131 -26.04 -29.27 29.82
N LEU B 132 -25.29 -28.97 28.74
CA LEU B 132 -23.86 -29.25 28.61
C LEU B 132 -23.06 -28.47 29.67
N TRP B 133 -23.62 -27.34 30.16
CA TRP B 133 -23.01 -26.46 31.17
C TRP B 133 -22.99 -27.04 32.59
N ASP B 134 -23.80 -28.09 32.85
CA ASP B 134 -23.93 -28.75 34.16
C ASP B 134 -22.61 -29.29 34.71
N ALA B 135 -22.36 -29.03 36.01
CA ALA B 135 -21.14 -29.42 36.74
C ALA B 135 -20.78 -30.91 36.62
N LYS B 136 -21.80 -31.78 36.50
CA LYS B 136 -21.64 -33.24 36.37
C LYS B 136 -20.81 -33.68 35.15
N TRP B 137 -20.76 -32.84 34.10
CA TRP B 137 -20.01 -33.10 32.86
C TRP B 137 -18.55 -32.61 32.88
N ALA B 138 -17.99 -32.36 34.10
CA ALA B 138 -16.62 -31.88 34.30
C ALA B 138 -15.60 -32.78 33.61
N GLY B 139 -14.75 -32.16 32.78
CA GLY B 139 -13.70 -32.81 32.00
C GLY B 139 -14.13 -33.99 31.15
N GLN B 140 -15.35 -33.91 30.59
CA GLN B 140 -15.93 -35.01 29.80
C GLN B 140 -16.36 -34.68 28.36
N LEU B 141 -16.49 -33.38 28.00
CA LEU B 141 -17.02 -32.99 26.70
C LEU B 141 -16.00 -32.70 25.59
N MET B 142 -16.49 -32.84 24.37
CA MET B 142 -15.84 -32.46 23.14
C MET B 142 -16.75 -31.40 22.51
N LEU B 143 -16.17 -30.27 22.08
CA LEU B 143 -16.89 -29.24 21.34
C LEU B 143 -16.33 -29.28 19.91
N MET B 144 -17.07 -28.71 18.94
CA MET B 144 -16.56 -28.60 17.57
C MET B 144 -15.48 -27.52 17.57
N ASP B 145 -14.50 -27.65 16.69
CA ASP B 145 -13.46 -26.63 16.60
C ASP B 145 -13.91 -25.63 15.54
N ASP B 146 -14.96 -24.91 15.87
CA ASP B 146 -15.61 -24.03 14.91
C ASP B 146 -16.19 -22.85 15.67
N ALA B 147 -15.67 -21.64 15.39
CA ALA B 147 -16.10 -20.42 16.06
C ALA B 147 -17.60 -20.22 16.04
N ARG B 148 -18.22 -20.29 14.86
CA ARG B 148 -19.66 -20.06 14.72
C ARG B 148 -20.51 -21.12 15.39
N GLU B 149 -20.11 -22.40 15.33
CA GLU B 149 -20.90 -23.46 15.97
C GLU B 149 -20.86 -23.36 17.49
N VAL B 150 -19.66 -23.12 18.05
CA VAL B 150 -19.49 -23.00 19.51
C VAL B 150 -20.26 -21.79 20.04
N PHE B 151 -20.18 -20.65 19.32
CA PHE B 151 -20.93 -19.46 19.71
C PHE B 151 -22.41 -19.65 19.53
N HIS B 152 -22.83 -20.43 18.50
CA HIS B 152 -24.24 -20.74 18.23
C HIS B 152 -24.89 -21.34 19.49
N ILE B 153 -24.23 -22.33 20.12
CA ILE B 153 -24.81 -23.02 21.29
C ILE B 153 -24.95 -22.07 22.50
N ALA B 154 -23.97 -21.17 22.72
CA ALA B 154 -24.04 -20.21 23.83
C ALA B 154 -25.07 -19.11 23.55
N LEU B 155 -25.13 -18.61 22.31
CA LEU B 155 -26.12 -17.59 21.91
C LEU B 155 -27.54 -18.12 22.06
N SER B 156 -27.75 -19.40 21.65
CA SER B 156 -29.02 -20.12 21.76
C SER B 156 -29.40 -20.26 23.24
N LYS B 157 -28.42 -20.61 24.10
CA LYS B 157 -28.62 -20.74 25.55
C LYS B 157 -29.07 -19.39 26.16
N LEU B 158 -28.47 -18.28 25.70
CA LEU B 158 -28.76 -16.93 26.20
C LEU B 158 -30.05 -16.31 25.64
N GLY B 159 -30.62 -16.92 24.60
CA GLY B 159 -31.83 -16.45 23.95
C GLY B 159 -31.58 -15.41 22.89
N TYR B 160 -30.34 -15.34 22.39
CA TYR B 160 -29.94 -14.42 21.34
C TYR B 160 -29.91 -15.15 20.02
N SER B 161 -29.89 -14.42 18.91
CA SER B 161 -29.78 -15.09 17.60
C SER B 161 -28.38 -15.71 17.45
N PRO B 162 -28.28 -16.99 17.02
CA PRO B 162 -26.96 -17.57 16.77
C PRO B 162 -26.28 -16.93 15.55
N ASN B 163 -26.99 -16.01 14.86
CA ASN B 163 -26.49 -15.25 13.72
C ASN B 163 -26.43 -13.73 14.04
N THR B 164 -26.35 -13.39 15.34
CA THR B 164 -26.27 -11.98 15.76
C THR B 164 -25.01 -11.27 15.24
N THR B 165 -25.15 -9.97 14.99
CA THR B 165 -24.03 -9.09 14.62
C THR B 165 -23.83 -8.06 15.75
N ASN B 166 -24.56 -8.25 16.88
CA ASN B 166 -24.47 -7.38 18.05
C ASN B 166 -23.23 -7.72 18.90
N PRO B 167 -22.21 -6.80 18.96
CA PRO B 167 -20.97 -7.13 19.72
C PRO B 167 -21.17 -7.43 21.21
N LYS B 168 -22.18 -6.80 21.83
CA LYS B 168 -22.54 -7.03 23.23
C LYS B 168 -23.06 -8.46 23.45
N GLU B 169 -23.86 -8.97 22.49
CA GLU B 169 -24.39 -10.33 22.55
C GLU B 169 -23.28 -11.34 22.29
N ILE B 170 -22.37 -11.03 21.35
CA ILE B 170 -21.24 -11.90 21.05
C ILE B 170 -20.36 -12.02 22.31
N LYS B 171 -20.07 -10.90 22.98
CA LYS B 171 -19.28 -10.86 24.21
C LYS B 171 -19.99 -11.64 25.34
N ALA B 172 -21.33 -11.50 25.46
CA ALA B 172 -22.12 -12.24 26.46
C ALA B 172 -21.99 -13.75 26.22
N ALA B 173 -22.01 -14.19 24.94
CA ALA B 173 -21.82 -15.60 24.59
C ALA B 173 -20.41 -16.07 24.97
N TYR B 174 -19.40 -15.21 24.79
CA TYR B 174 -18.00 -15.53 25.14
C TYR B 174 -17.91 -15.77 26.65
N ARG B 175 -18.50 -14.85 27.46
CA ARG B 175 -18.52 -14.98 28.92
C ARG B 175 -19.24 -16.27 29.33
N GLU B 176 -20.34 -16.62 28.63
CA GLU B 176 -21.09 -17.84 28.90
C GLU B 176 -20.23 -19.08 28.58
N LEU B 177 -19.49 -19.03 27.47
CA LEU B 177 -18.61 -20.12 27.06
C LEU B 177 -17.46 -20.35 28.03
N LYS B 178 -16.95 -19.27 28.67
CA LYS B 178 -15.88 -19.38 29.67
C LYS B 178 -16.35 -20.26 30.84
N LYS B 179 -17.66 -20.21 31.18
CA LYS B 179 -18.25 -21.03 32.23
C LYS B 179 -18.36 -22.51 31.84
N LEU B 180 -18.44 -22.82 30.52
CA LEU B 180 -18.53 -24.18 30.00
C LEU B 180 -17.17 -24.87 29.99
N MET B 181 -16.08 -24.09 29.82
CA MET B 181 -14.71 -24.57 29.69
C MET B 181 -14.28 -25.68 30.71
N PRO B 182 -14.60 -25.61 32.05
CA PRO B 182 -14.23 -26.74 32.93
C PRO B 182 -14.75 -28.11 32.50
N ASN B 183 -15.82 -28.15 31.65
CA ASN B 183 -16.40 -29.38 31.12
C ASN B 183 -15.78 -29.83 29.80
N VAL B 184 -14.95 -28.97 29.15
CA VAL B 184 -14.33 -29.23 27.85
C VAL B 184 -12.98 -29.94 27.99
N LEU B 185 -12.87 -31.10 27.33
CA LEU B 185 -11.68 -31.94 27.30
C LEU B 185 -10.92 -31.72 25.99
N VAL B 186 -11.66 -31.46 24.87
CA VAL B 186 -11.08 -31.30 23.54
C VAL B 186 -12.04 -30.60 22.54
N PHE B 187 -11.48 -29.80 21.60
CA PHE B 187 -12.16 -29.19 20.47
C PHE B 187 -11.74 -30.00 19.25
N ASN B 188 -12.70 -30.47 18.46
CA ASN B 188 -12.36 -31.29 17.30
C ASN B 188 -13.36 -31.10 16.15
N SER B 189 -12.84 -30.68 14.97
CA SER B 189 -13.59 -30.53 13.73
C SER B 189 -12.87 -31.28 12.59
N ASP B 190 -11.77 -31.96 12.92
CA ASP B 190 -10.96 -32.70 11.95
C ASP B 190 -11.60 -34.08 11.74
N PHE B 191 -11.54 -34.97 12.76
CA PHE B 191 -12.22 -36.27 12.71
C PHE B 191 -12.92 -36.39 14.07
N PRO B 192 -14.04 -35.63 14.23
CA PRO B 192 -14.72 -35.59 15.54
C PRO B 192 -15.27 -36.90 16.08
N ALA B 193 -15.47 -37.92 15.22
CA ALA B 193 -15.93 -39.25 15.65
C ALA B 193 -14.86 -39.98 16.45
N ASN B 194 -13.56 -39.70 16.17
CA ASN B 194 -12.41 -40.36 16.80
C ASN B 194 -12.40 -40.30 18.34
N PRO B 195 -12.55 -39.13 19.04
CA PRO B 195 -12.60 -39.17 20.53
C PRO B 195 -13.76 -40.00 21.11
N TYR B 196 -14.89 -40.09 20.38
CA TYR B 196 -16.05 -40.90 20.77
C TYR B 196 -15.73 -42.39 20.59
N LEU B 197 -15.12 -42.75 19.43
CA LEU B 197 -14.71 -44.11 19.06
C LEU B 197 -13.65 -44.67 20.01
N ALA B 198 -12.68 -43.81 20.42
CA ALA B 198 -11.58 -44.16 21.32
C ALA B 198 -12.02 -44.30 22.79
N GLY B 199 -13.22 -43.82 23.11
CA GLY B 199 -13.74 -43.85 24.47
C GLY B 199 -13.15 -42.76 25.32
N GLU B 200 -12.61 -41.70 24.68
CA GLU B 200 -12.02 -40.54 25.35
C GLU B 200 -13.14 -39.62 25.84
N VAL B 201 -14.21 -39.49 25.02
CA VAL B 201 -15.41 -38.72 25.31
C VAL B 201 -16.66 -39.61 25.13
N SER B 202 -17.71 -39.35 25.90
CA SER B 202 -18.98 -40.07 25.83
C SER B 202 -20.10 -39.05 25.55
N LEU B 203 -19.77 -37.73 25.59
CA LEU B 203 -20.72 -36.62 25.43
C LEU B 203 -20.05 -35.37 24.82
N GLY B 204 -20.87 -34.50 24.23
CA GLY B 204 -20.44 -33.23 23.64
C GLY B 204 -21.17 -32.86 22.37
N MET B 205 -20.64 -31.88 21.59
CA MET B 205 -21.22 -31.50 20.28
C MET B 205 -20.78 -32.56 19.28
N LEU B 206 -21.62 -32.85 18.28
CA LEU B 206 -21.23 -33.80 17.22
C LEU B 206 -22.07 -33.60 15.97
N TRP B 207 -21.41 -33.70 14.81
CA TRP B 207 -22.07 -33.63 13.51
C TRP B 207 -22.79 -34.96 13.27
N ASN B 208 -23.95 -34.92 12.58
CA ASN B 208 -24.70 -36.14 12.25
C ASN B 208 -23.83 -37.16 11.46
N GLY B 209 -23.08 -36.69 10.45
CA GLY B 209 -22.21 -37.57 9.67
C GLY B 209 -21.14 -38.28 10.48
N SER B 210 -20.43 -37.54 11.36
CA SER B 210 -19.40 -38.08 12.26
C SER B 210 -19.95 -39.17 13.17
N ALA B 211 -21.16 -38.94 13.76
CA ALA B 211 -21.84 -39.91 14.63
C ALA B 211 -22.11 -41.21 13.89
N TYR B 212 -22.58 -41.11 12.61
CA TYR B 212 -22.87 -42.25 11.75
C TYR B 212 -21.60 -43.06 11.47
N MET B 213 -20.50 -42.37 11.11
CA MET B 213 -19.21 -43.04 10.85
C MET B 213 -18.75 -43.85 12.07
N ALA B 214 -18.96 -43.31 13.29
CA ALA B 214 -18.66 -44.01 14.55
C ALA B 214 -19.54 -45.26 14.71
N ARG B 215 -20.84 -45.19 14.33
CA ARG B 215 -21.78 -46.33 14.39
C ARG B 215 -21.37 -47.41 13.41
N GLN B 216 -20.88 -47.01 12.23
CA GLN B 216 -20.42 -47.94 11.19
C GLN B 216 -19.19 -48.75 11.64
N GLU B 217 -18.41 -48.18 12.59
CA GLU B 217 -17.24 -48.82 13.18
C GLU B 217 -17.59 -49.64 14.44
N GLY B 218 -18.89 -49.73 14.74
CA GLY B 218 -19.41 -50.51 15.87
C GLY B 218 -19.66 -49.77 17.17
N ALA B 219 -19.39 -48.45 17.22
CA ALA B 219 -19.57 -47.66 18.44
C ALA B 219 -21.03 -47.16 18.59
N PRO B 220 -21.68 -47.30 19.77
CA PRO B 220 -23.06 -46.82 19.90
C PRO B 220 -23.13 -45.32 20.18
N ILE B 221 -22.78 -44.52 19.16
CA ILE B 221 -22.77 -43.07 19.24
C ILE B 221 -24.00 -42.52 18.51
N GLN B 222 -24.91 -41.91 19.24
CA GLN B 222 -26.13 -41.32 18.70
C GLN B 222 -26.10 -39.80 18.80
N ILE B 223 -27.11 -39.14 18.23
CA ILE B 223 -27.28 -37.70 18.31
C ILE B 223 -28.58 -37.39 19.07
N ILE B 224 -28.49 -36.53 20.09
CA ILE B 224 -29.64 -35.98 20.81
C ILE B 224 -29.82 -34.62 20.11
N TRP B 225 -30.99 -34.39 19.52
CA TRP B 225 -31.26 -33.13 18.86
C TRP B 225 -31.76 -32.10 19.88
N PRO B 226 -30.98 -31.03 20.19
CA PRO B 226 -31.47 -30.02 21.16
C PRO B 226 -32.86 -29.50 20.78
N GLU B 227 -33.75 -29.36 21.78
CA GLU B 227 -35.14 -28.91 21.59
C GLU B 227 -35.26 -27.63 20.78
N LYS B 228 -34.35 -26.69 21.01
CA LYS B 228 -34.24 -25.46 20.25
C LYS B 228 -32.77 -25.27 19.88
N GLY B 229 -32.52 -24.56 18.79
CA GLY B 229 -31.16 -24.21 18.41
C GLY B 229 -30.28 -25.27 17.78
N THR B 230 -30.88 -26.32 17.19
CA THR B 230 -30.07 -27.32 16.45
C THR B 230 -29.39 -26.58 15.29
N ILE B 231 -28.09 -26.82 15.13
CA ILE B 231 -27.29 -26.17 14.10
C ILE B 231 -27.49 -26.86 12.75
N PHE B 232 -27.95 -26.12 11.74
CA PHE B 232 -28.06 -26.62 10.36
C PHE B 232 -27.05 -25.85 9.52
N TRP B 233 -26.37 -26.55 8.61
CA TRP B 233 -25.38 -25.91 7.75
C TRP B 233 -25.30 -26.62 6.41
N MET B 234 -24.78 -25.93 5.41
CA MET B 234 -24.57 -26.51 4.09
C MET B 234 -23.25 -26.05 3.55
N ASP B 235 -22.51 -26.99 2.98
CA ASP B 235 -21.24 -26.75 2.31
C ASP B 235 -21.49 -26.78 0.81
N SER B 236 -20.91 -25.81 0.10
CA SER B 236 -21.05 -25.70 -1.34
C SER B 236 -19.68 -25.64 -1.98
N ILE B 237 -19.56 -26.08 -3.25
CA ILE B 237 -18.28 -26.03 -3.97
C ILE B 237 -18.17 -24.72 -4.74
N SER B 238 -17.00 -24.08 -4.67
CA SER B 238 -16.69 -22.81 -5.33
C SER B 238 -15.33 -22.88 -6.03
N ILE B 239 -15.10 -21.96 -6.98
CA ILE B 239 -13.87 -21.89 -7.75
C ILE B 239 -13.11 -20.63 -7.36
N PRO B 240 -11.92 -20.72 -6.73
CA PRO B 240 -11.16 -19.52 -6.38
C PRO B 240 -10.81 -18.65 -7.59
N ALA B 241 -10.76 -17.33 -7.38
CA ALA B 241 -10.43 -16.34 -8.41
C ALA B 241 -9.17 -16.64 -9.23
N GLY B 242 -8.12 -17.12 -8.60
CA GLY B 242 -6.88 -17.36 -9.35
C GLY B 242 -6.70 -18.75 -9.97
N ALA B 243 -7.78 -19.59 -9.98
CA ALA B 243 -7.72 -20.98 -10.48
C ALA B 243 -7.11 -21.13 -11.88
N LYS B 244 -6.16 -22.06 -12.01
CA LYS B 244 -5.47 -22.30 -13.29
C LYS B 244 -6.11 -23.45 -14.06
N ASN B 245 -6.82 -24.35 -13.38
CA ASN B 245 -7.42 -25.56 -13.97
C ASN B 245 -8.94 -25.55 -13.86
N ILE B 246 -9.55 -24.59 -14.57
CA ILE B 246 -10.99 -24.33 -14.60
C ILE B 246 -11.78 -25.52 -15.17
N GLU B 247 -11.27 -26.12 -16.26
CA GLU B 247 -11.89 -27.27 -16.92
C GLU B 247 -11.93 -28.47 -15.98
N ALA B 248 -10.81 -28.74 -15.27
CA ALA B 248 -10.71 -29.81 -14.29
C ALA B 248 -11.64 -29.53 -13.09
N ALA B 249 -11.72 -28.25 -12.65
CA ALA B 249 -12.59 -27.82 -11.53
C ALA B 249 -14.04 -28.16 -11.82
N HIS B 250 -14.54 -27.83 -13.02
CA HIS B 250 -15.92 -28.17 -13.38
C HIS B 250 -16.13 -29.69 -13.51
N LYS B 251 -15.11 -30.43 -14.03
CA LYS B 251 -15.18 -31.89 -14.15
C LYS B 251 -15.33 -32.54 -12.78
N MET B 252 -14.60 -32.04 -11.77
CA MET B 252 -14.71 -32.57 -10.41
C MET B 252 -16.09 -32.26 -9.80
N ILE B 253 -16.58 -31.03 -9.97
CA ILE B 253 -17.91 -30.66 -9.47
C ILE B 253 -18.94 -31.61 -10.09
N ASP B 254 -18.87 -31.81 -11.44
CA ASP B 254 -19.84 -32.65 -12.12
C ASP B 254 -19.75 -34.11 -11.72
N PHE B 255 -18.53 -34.59 -11.39
CA PHE B 255 -18.26 -35.95 -10.92
C PHE B 255 -18.92 -36.15 -9.53
N LEU B 256 -18.81 -35.16 -8.62
CA LEU B 256 -19.43 -35.24 -7.30
C LEU B 256 -20.96 -35.12 -7.35
N LEU B 257 -21.49 -34.37 -8.35
CA LEU B 257 -22.95 -34.21 -8.52
C LEU B 257 -23.61 -35.47 -9.08
N ARG B 258 -22.81 -36.35 -9.74
CA ARG B 258 -23.27 -37.60 -10.32
C ARG B 258 -24.03 -38.35 -9.25
N PRO B 259 -25.35 -38.56 -9.46
CA PRO B 259 -26.18 -39.18 -8.40
C PRO B 259 -25.63 -40.48 -7.79
N GLU B 260 -25.05 -41.37 -8.61
CA GLU B 260 -24.45 -42.64 -8.12
C GLU B 260 -23.27 -42.35 -7.18
N ASN B 261 -22.47 -41.31 -7.49
CA ASN B 261 -21.33 -40.89 -6.66
C ASN B 261 -21.81 -40.22 -5.37
N ALA B 262 -22.72 -39.23 -5.47
CA ALA B 262 -23.25 -38.54 -4.29
C ALA B 262 -23.93 -39.51 -3.31
N ALA B 263 -24.69 -40.51 -3.82
CA ALA B 263 -25.34 -41.51 -2.96
C ALA B 263 -24.34 -42.46 -2.30
N LYS B 264 -23.38 -43.01 -3.09
CA LYS B 264 -22.35 -43.92 -2.58
C LYS B 264 -21.52 -43.22 -1.48
N ILE B 265 -21.12 -41.97 -1.74
CA ILE B 265 -20.34 -41.21 -0.75
C ILE B 265 -21.18 -40.95 0.52
N ALA B 266 -22.46 -40.53 0.37
CA ALA B 266 -23.35 -40.27 1.51
C ALA B 266 -23.42 -41.51 2.43
N LEU B 267 -23.54 -42.73 1.84
CA LEU B 267 -23.57 -43.97 2.61
C LEU B 267 -22.27 -44.26 3.36
N GLU B 268 -21.14 -43.74 2.88
CA GLU B 268 -19.85 -43.92 3.54
C GLU B 268 -19.62 -42.87 4.64
N ILE B 269 -19.99 -41.61 4.38
CA ILE B 269 -19.66 -40.50 5.29
C ILE B 269 -20.81 -40.08 6.25
N GLY B 270 -22.03 -40.54 6.01
CA GLY B 270 -23.18 -40.30 6.89
C GLY B 270 -23.86 -38.95 6.82
N TYR B 271 -23.55 -38.17 5.79
CA TYR B 271 -24.15 -36.87 5.64
C TYR B 271 -25.26 -36.84 4.60
N PRO B 272 -26.31 -36.04 4.87
CA PRO B 272 -27.35 -35.86 3.85
C PRO B 272 -26.79 -35.22 2.58
N THR B 273 -27.55 -35.31 1.48
CA THR B 273 -27.15 -34.75 0.19
C THR B 273 -28.20 -33.79 -0.39
N PRO B 274 -27.79 -32.60 -0.91
CA PRO B 274 -28.76 -31.73 -1.60
C PRO B 274 -28.99 -32.17 -3.06
N VAL B 275 -28.35 -33.28 -3.52
CA VAL B 275 -28.52 -33.83 -4.87
C VAL B 275 -29.79 -34.70 -4.77
N LYS B 276 -30.90 -34.19 -5.30
CA LYS B 276 -32.21 -34.86 -5.23
C LYS B 276 -32.19 -36.30 -5.76
N THR B 277 -31.63 -36.52 -6.97
CA THR B 277 -31.57 -37.86 -7.61
C THR B 277 -30.77 -38.85 -6.74
N ALA B 278 -29.71 -38.37 -6.05
CA ALA B 278 -28.89 -39.16 -5.11
C ALA B 278 -29.70 -39.46 -3.85
N HIS B 279 -30.41 -38.43 -3.29
CA HIS B 279 -31.25 -38.62 -2.10
C HIS B 279 -32.29 -39.73 -2.32
N ASP B 280 -32.91 -39.74 -3.52
CA ASP B 280 -33.92 -40.74 -3.91
C ASP B 280 -33.33 -42.16 -4.06
N LEU B 281 -32.02 -42.27 -4.36
CA LEU B 281 -31.29 -43.54 -4.52
C LEU B 281 -30.93 -44.13 -3.15
N LEU B 282 -30.97 -43.30 -2.08
CA LEU B 282 -30.61 -43.70 -0.71
C LEU B 282 -31.59 -44.71 -0.12
N PRO B 283 -31.11 -45.76 0.58
CA PRO B 283 -32.03 -46.74 1.18
C PRO B 283 -32.76 -46.19 2.41
N LYS B 284 -33.81 -46.91 2.85
CA LYS B 284 -34.68 -46.55 3.97
C LYS B 284 -33.97 -46.46 5.32
N GLU B 285 -33.04 -47.39 5.60
CA GLU B 285 -32.23 -47.45 6.83
C GLU B 285 -31.42 -46.16 7.02
N PHE B 286 -30.93 -45.59 5.91
CA PHE B 286 -30.18 -44.35 5.94
C PHE B 286 -31.13 -43.16 6.02
N ALA B 287 -32.10 -43.08 5.08
CA ALA B 287 -33.09 -42.00 4.95
C ALA B 287 -33.94 -41.77 6.19
N ASN B 288 -34.23 -42.85 6.96
CA ASN B 288 -35.04 -42.73 8.17
C ASN B 288 -34.25 -42.87 9.46
N ASP B 289 -32.90 -42.75 9.39
CA ASP B 289 -32.05 -42.81 10.57
C ASP B 289 -32.28 -41.52 11.39
N PRO B 290 -32.82 -41.64 12.64
CA PRO B 290 -33.13 -40.43 13.43
C PRO B 290 -31.94 -39.61 13.89
N SER B 291 -30.74 -40.23 13.99
CA SER B 291 -29.51 -39.54 14.37
C SER B 291 -28.89 -38.78 13.19
N ILE B 292 -29.30 -39.13 11.95
CA ILE B 292 -28.83 -38.43 10.76
C ILE B 292 -29.80 -37.29 10.49
N TYR B 293 -31.08 -37.63 10.27
CA TYR B 293 -32.14 -36.68 9.96
C TYR B 293 -32.93 -36.28 11.20
N PRO B 294 -32.87 -34.99 11.60
CA PRO B 294 -33.64 -34.55 12.77
C PRO B 294 -35.16 -34.58 12.51
N PRO B 295 -36.01 -34.65 13.56
CA PRO B 295 -37.46 -34.65 13.33
C PRO B 295 -37.99 -33.31 12.82
N GLN B 296 -39.21 -33.28 12.24
CA GLN B 296 -39.86 -32.07 11.73
C GLN B 296 -39.82 -30.91 12.72
N SER B 297 -40.20 -31.16 14.00
CA SER B 297 -40.19 -30.22 15.12
C SER B 297 -38.80 -29.54 15.34
N VAL B 298 -37.73 -30.35 15.39
CA VAL B 298 -36.34 -29.91 15.63
C VAL B 298 -35.83 -28.99 14.50
N ILE B 299 -36.43 -29.10 13.29
CA ILE B 299 -36.08 -28.27 12.13
C ILE B 299 -36.55 -26.80 12.35
N ASP B 300 -37.86 -26.60 12.63
CA ASP B 300 -38.48 -25.28 12.85
C ASP B 300 -37.97 -24.56 14.10
N ASN B 301 -37.46 -25.31 15.11
CA ASN B 301 -36.89 -24.73 16.32
C ASN B 301 -35.37 -24.58 16.25
N GLY B 302 -34.78 -25.10 15.16
CA GLY B 302 -33.36 -25.02 14.89
C GLY B 302 -33.02 -23.83 14.03
N GLU B 303 -31.74 -23.70 13.63
CA GLU B 303 -31.31 -22.55 12.83
C GLU B 303 -30.17 -22.85 11.85
N TRP B 304 -30.40 -22.45 10.59
CA TRP B 304 -29.41 -22.54 9.50
C TRP B 304 -28.38 -21.44 9.74
N GLN B 305 -27.07 -21.80 9.75
CA GLN B 305 -25.98 -20.85 10.00
C GLN B 305 -25.96 -19.83 8.88
N ASP B 306 -26.06 -18.55 9.26
CA ASP B 306 -26.09 -17.44 8.32
C ASP B 306 -24.87 -16.54 8.46
N GLU B 307 -24.63 -15.71 7.43
CA GLU B 307 -23.53 -14.75 7.41
C GLU B 307 -23.74 -13.72 8.53
N VAL B 308 -22.63 -13.20 9.06
CA VAL B 308 -22.63 -12.17 10.12
C VAL B 308 -21.83 -10.95 9.68
N GLY B 309 -21.54 -10.85 8.38
CA GLY B 309 -20.76 -9.75 7.82
C GLY B 309 -19.43 -9.57 8.51
N GLU B 310 -19.07 -8.31 8.82
CA GLU B 310 -17.79 -7.97 9.47
C GLU B 310 -17.70 -8.42 10.94
N ALA B 311 -18.83 -8.86 11.56
CA ALA B 311 -18.81 -9.38 12.93
C ALA B 311 -18.07 -10.72 13.03
N SER B 312 -17.78 -11.35 11.88
CA SER B 312 -17.03 -12.62 11.81
C SER B 312 -15.68 -12.51 12.57
N VAL B 313 -15.03 -11.32 12.52
CA VAL B 313 -13.77 -11.06 13.22
C VAL B 313 -13.92 -11.20 14.74
N LEU B 314 -15.06 -10.75 15.31
CA LEU B 314 -15.32 -10.86 16.75
C LEU B 314 -15.51 -12.29 17.19
N TYR B 315 -16.29 -13.06 16.42
CA TYR B 315 -16.51 -14.47 16.70
C TYR B 315 -15.15 -15.18 16.75
N ASP B 316 -14.27 -14.92 15.77
CA ASP B 316 -12.92 -15.50 15.69
C ASP B 316 -12.03 -15.13 16.86
N GLU B 317 -11.96 -13.83 17.17
CA GLU B 317 -11.14 -13.28 18.24
C GLU B 317 -11.51 -13.92 19.59
N TYR B 318 -12.80 -13.97 19.90
CA TYR B 318 -13.27 -14.53 21.15
C TYR B 318 -13.17 -16.06 21.19
N PHE B 319 -13.36 -16.73 20.04
CA PHE B 319 -13.22 -18.18 19.98
C PHE B 319 -11.79 -18.61 20.30
N GLN B 320 -10.81 -17.88 19.74
CA GLN B 320 -9.39 -18.09 19.96
C GLN B 320 -8.98 -17.84 21.41
N LYS B 321 -9.54 -16.78 22.04
CA LYS B 321 -9.34 -16.46 23.46
C LYS B 321 -9.83 -17.64 24.32
N LEU B 322 -11.01 -18.21 23.97
CA LEU B 322 -11.65 -19.36 24.60
C LEU B 322 -10.72 -20.57 24.61
N LYS B 323 -10.13 -20.88 23.44
CA LYS B 323 -9.24 -22.03 23.23
C LYS B 323 -7.90 -21.92 23.95
N VAL B 324 -7.40 -20.69 24.17
CA VAL B 324 -6.11 -20.46 24.85
C VAL B 324 -6.25 -20.52 26.38
N LYS C 4 16.59 -26.15 -20.55
CA LYS C 4 17.38 -25.09 -19.89
C LYS C 4 18.74 -24.94 -20.58
N ASP C 5 19.08 -23.68 -20.94
CA ASP C 5 20.33 -23.29 -21.60
C ASP C 5 20.47 -23.80 -23.05
N GLN C 6 19.33 -24.17 -23.70
CA GLN C 6 19.26 -24.53 -25.12
C GLN C 6 18.84 -23.26 -25.88
N GLU C 7 18.43 -22.23 -25.12
CA GLU C 7 18.05 -20.95 -25.71
C GLU C 7 18.53 -19.79 -24.86
N LEU C 8 18.52 -18.59 -25.44
CA LEU C 8 18.98 -17.39 -24.75
C LEU C 8 18.10 -16.20 -25.17
N TYR C 9 17.49 -15.52 -24.20
CA TYR C 9 16.65 -14.34 -24.46
C TYR C 9 17.53 -13.12 -24.21
N PHE C 10 17.92 -12.43 -25.29
CA PHE C 10 18.88 -11.34 -25.22
C PHE C 10 18.27 -10.05 -25.73
N TYR C 11 18.25 -9.04 -24.84
CA TYR C 11 17.69 -7.72 -25.10
C TYR C 11 18.84 -6.73 -25.14
N ASN C 12 19.04 -6.05 -26.30
CA ASN C 12 20.21 -5.19 -26.46
C ASN C 12 19.90 -3.93 -27.24
N TRP C 13 20.85 -2.99 -27.30
CA TRP C 13 20.67 -1.77 -28.09
C TRP C 13 20.67 -2.14 -29.56
N SER C 14 19.95 -1.37 -30.39
CA SER C 14 20.00 -1.51 -31.84
C SER C 14 21.45 -1.12 -32.26
N GLU C 15 21.87 -1.55 -33.48
CA GLU C 15 23.17 -1.33 -34.12
C GLU C 15 24.26 -2.31 -33.70
N TYR C 16 24.27 -2.76 -32.44
CA TYR C 16 25.39 -3.49 -31.85
C TYR C 16 25.72 -4.87 -32.40
N ILE C 17 24.72 -5.71 -32.68
CA ILE C 17 25.06 -7.06 -33.12
C ILE C 17 24.52 -7.36 -34.52
N PRO C 18 25.44 -7.51 -35.50
CA PRO C 18 25.02 -7.95 -36.84
C PRO C 18 24.41 -9.36 -36.77
N SER C 19 23.37 -9.61 -37.58
CA SER C 19 22.66 -10.90 -37.61
C SER C 19 23.61 -12.12 -37.77
N GLU C 20 24.69 -11.98 -38.57
CA GLU C 20 25.66 -13.05 -38.82
C GLU C 20 26.38 -13.49 -37.54
N VAL C 21 26.63 -12.54 -36.64
CA VAL C 21 27.30 -12.80 -35.36
C VAL C 21 26.45 -13.74 -34.49
N LEU C 22 25.12 -13.52 -34.44
CA LEU C 22 24.23 -14.39 -33.67
C LEU C 22 24.17 -15.77 -34.28
N GLU C 23 24.20 -15.86 -35.64
CA GLU C 23 24.22 -17.13 -36.37
C GLU C 23 25.49 -17.89 -35.98
N ASP C 24 26.64 -17.19 -35.91
CA ASP C 24 27.94 -17.78 -35.53
C ASP C 24 27.90 -18.29 -34.09
N PHE C 25 27.29 -17.52 -33.14
CA PHE C 25 27.16 -17.95 -31.76
C PHE C 25 26.38 -19.28 -31.67
N THR C 26 25.20 -19.35 -32.35
CA THR C 26 24.34 -20.53 -32.40
C THR C 26 25.08 -21.72 -33.05
N LYS C 27 25.85 -21.45 -34.11
CA LYS C 27 26.64 -22.48 -34.81
C LYS C 27 27.65 -23.10 -33.84
N GLU C 28 28.35 -22.26 -33.07
CA GLU C 28 29.38 -22.65 -32.12
C GLU C 28 28.85 -23.38 -30.87
N THR C 29 27.74 -22.90 -30.30
CA THR C 29 27.20 -23.42 -29.03
C THR C 29 25.97 -24.33 -29.11
N GLY C 30 25.23 -24.23 -30.20
CA GLY C 30 23.95 -24.93 -30.36
C GLY C 30 22.81 -24.21 -29.66
N ILE C 31 23.09 -23.02 -29.08
CA ILE C 31 22.10 -22.23 -28.35
C ILE C 31 21.35 -21.29 -29.28
N LYS C 32 20.02 -21.43 -29.35
CA LYS C 32 19.15 -20.53 -30.13
C LYS C 32 19.08 -19.17 -29.42
N VAL C 33 19.24 -18.07 -30.17
CA VAL C 33 19.15 -16.73 -29.55
C VAL C 33 17.84 -16.07 -29.95
N ILE C 34 17.02 -15.69 -28.95
CA ILE C 34 15.78 -14.94 -29.17
C ILE C 34 16.21 -13.50 -28.88
N TYR C 35 16.48 -12.77 -29.95
CA TYR C 35 17.08 -11.44 -29.86
C TYR C 35 16.11 -10.33 -30.14
N SER C 36 16.14 -9.29 -29.30
CA SER C 36 15.30 -8.10 -29.52
C SER C 36 16.08 -6.87 -29.10
N THR C 37 15.65 -5.71 -29.61
CA THR C 37 16.39 -4.48 -29.37
C THR C 37 15.59 -3.34 -28.80
N TYR C 38 16.30 -2.35 -28.26
CA TYR C 38 15.74 -1.11 -27.72
C TYR C 38 16.64 0.08 -28.13
N GLU C 39 16.12 1.30 -27.95
CA GLU C 39 16.75 2.57 -28.35
C GLU C 39 17.21 3.42 -27.15
N SER C 40 16.78 3.05 -25.91
CA SER C 40 17.16 3.84 -24.74
C SER C 40 17.11 3.00 -23.49
N ASN C 41 17.87 3.44 -22.47
CA ASN C 41 17.85 2.79 -21.15
C ASN C 41 16.44 2.87 -20.57
N GLU C 42 15.76 4.01 -20.78
CA GLU C 42 14.41 4.26 -20.24
C GLU C 42 13.40 3.26 -20.79
N SER C 43 13.48 2.96 -22.10
CA SER C 43 12.60 1.95 -22.75
C SER C 43 12.93 0.54 -22.26
N MET C 44 14.24 0.22 -22.19
CA MET C 44 14.70 -1.10 -21.72
C MET C 44 14.20 -1.34 -20.28
N TYR C 45 14.37 -0.34 -19.42
CA TYR C 45 14.01 -0.42 -18.01
C TYR C 45 12.51 -0.64 -17.84
N ALA C 46 11.68 0.17 -18.55
CA ALA C 46 10.23 0.04 -18.49
C ALA C 46 9.80 -1.38 -18.90
N LYS C 47 10.47 -1.94 -19.90
CA LYS C 47 10.17 -3.28 -20.40
C LYS C 47 10.51 -4.35 -19.34
N LEU C 48 11.68 -4.24 -18.70
CA LEU C 48 12.05 -5.20 -17.66
C LEU C 48 11.15 -5.10 -16.43
N LYS C 49 10.62 -3.92 -16.13
CA LYS C 49 9.68 -3.74 -15.01
C LYS C 49 8.34 -4.46 -15.25
N THR C 50 7.94 -4.70 -16.53
CA THR C 50 6.66 -5.38 -16.84
C THR C 50 6.63 -6.84 -16.36
N GLY C 54 11.22 -11.89 -18.90
CA GLY C 54 11.89 -13.16 -19.13
C GLY C 54 13.18 -13.10 -19.93
N TYR C 55 14.03 -12.11 -19.68
CA TYR C 55 15.31 -11.98 -20.40
C TYR C 55 16.47 -12.59 -19.62
N ASP C 56 17.45 -13.12 -20.36
CA ASP C 56 18.69 -13.71 -19.80
C ASP C 56 19.83 -12.70 -19.82
N LEU C 57 19.76 -11.72 -20.72
CA LEU C 57 20.78 -10.70 -20.84
C LEU C 57 20.11 -9.39 -21.17
N VAL C 58 20.66 -8.32 -20.60
CA VAL C 58 20.23 -6.96 -20.87
C VAL C 58 21.49 -6.08 -20.89
N VAL C 59 21.43 -4.92 -21.55
CA VAL C 59 22.65 -4.10 -21.71
C VAL C 59 22.44 -2.66 -21.23
N PRO C 60 22.45 -2.40 -19.91
CA PRO C 60 22.27 -1.03 -19.46
C PRO C 60 23.51 -0.17 -19.66
N SER C 61 23.30 1.14 -19.84
CA SER C 61 24.44 2.05 -19.78
C SER C 61 24.87 2.05 -18.31
N THR C 62 26.14 2.42 -18.03
CA THR C 62 26.66 2.41 -16.67
C THR C 62 25.82 3.22 -15.68
N TYR C 63 25.18 4.31 -16.16
CA TYR C 63 24.38 5.18 -15.30
C TYR C 63 23.05 4.58 -14.91
N PHE C 64 22.74 3.34 -15.38
CA PHE C 64 21.55 2.59 -14.98
C PHE C 64 21.88 1.39 -14.10
N VAL C 65 23.16 0.98 -14.05
CA VAL C 65 23.56 -0.24 -13.35
C VAL C 65 23.24 -0.20 -11.84
N SER C 66 23.67 0.85 -11.14
CA SER C 66 23.45 0.95 -9.68
C SER C 66 21.97 0.93 -9.31
N LYS C 67 21.16 1.69 -10.06
CA LYS C 67 19.71 1.76 -9.89
C LYS C 67 19.10 0.34 -10.02
N MET C 68 19.45 -0.37 -11.10
CA MET C 68 18.91 -1.72 -11.35
C MET C 68 19.36 -2.72 -10.31
N ARG C 69 20.62 -2.63 -9.87
CA ARG C 69 21.13 -3.54 -8.84
C ARG C 69 20.35 -3.30 -7.52
N LYS C 70 20.21 -2.03 -7.10
CA LYS C 70 19.53 -1.67 -5.84
C LYS C 70 18.05 -2.05 -5.84
N GLU C 71 17.44 -2.08 -7.03
CA GLU C 71 16.02 -2.44 -7.18
C GLU C 71 15.79 -3.95 -7.30
N GLY C 72 16.86 -4.75 -7.17
CA GLY C 72 16.79 -6.21 -7.24
C GLY C 72 16.53 -6.73 -8.63
N MET C 73 16.87 -5.93 -9.66
CA MET C 73 16.60 -6.31 -11.04
C MET C 73 17.66 -7.19 -11.69
N LEU C 74 18.85 -7.26 -11.08
CA LEU C 74 19.98 -7.97 -11.67
C LEU C 74 20.52 -9.07 -10.76
N GLN C 75 21.34 -9.95 -11.32
CA GLN C 75 22.01 -10.97 -10.49
C GLN C 75 23.53 -10.91 -10.74
N GLU C 76 24.28 -11.44 -9.80
CA GLU C 76 25.73 -11.46 -9.88
C GLU C 76 26.26 -12.28 -11.05
N ILE C 77 27.23 -11.72 -11.76
CA ILE C 77 27.87 -12.37 -12.90
C ILE C 77 29.11 -13.10 -12.38
N ASP C 78 29.28 -14.38 -12.76
CA ASP C 78 30.42 -15.20 -12.34
C ASP C 78 31.59 -15.02 -13.29
N HIS C 79 32.64 -14.31 -12.83
CA HIS C 79 33.86 -14.05 -13.64
C HIS C 79 34.60 -15.31 -14.05
N SER C 80 34.49 -16.40 -13.25
CA SER C 80 35.14 -17.69 -13.54
C SER C 80 34.56 -18.36 -14.78
N LYS C 81 33.35 -17.94 -15.19
CA LYS C 81 32.69 -18.44 -16.40
C LYS C 81 33.10 -17.58 -17.62
N LEU C 82 33.89 -16.52 -17.39
CA LEU C 82 34.32 -15.59 -18.43
C LEU C 82 35.83 -15.67 -18.65
N SER C 83 36.26 -16.58 -19.54
CA SER C 83 37.68 -16.78 -19.83
C SER C 83 38.36 -15.51 -20.41
N HIS C 84 37.56 -14.62 -21.04
CA HIS C 84 38.07 -13.39 -21.64
C HIS C 84 37.90 -12.14 -20.76
N PHE C 85 37.50 -12.31 -19.48
CA PHE C 85 37.39 -11.17 -18.57
C PHE C 85 38.75 -10.44 -18.47
N LYS C 86 39.87 -11.22 -18.48
CA LYS C 86 41.25 -10.72 -18.41
C LYS C 86 41.62 -9.81 -19.61
N ASP C 87 40.84 -9.90 -20.71
CA ASP C 87 41.11 -9.12 -21.92
C ASP C 87 40.59 -7.69 -21.82
N LEU C 88 39.80 -7.40 -20.77
CA LEU C 88 39.20 -6.09 -20.57
C LEU C 88 40.24 -5.06 -20.15
N ASP C 89 40.05 -3.84 -20.64
CA ASP C 89 40.95 -2.75 -20.29
C ASP C 89 40.69 -2.38 -18.81
N PRO C 90 41.73 -2.42 -17.94
CA PRO C 90 41.53 -2.06 -16.51
C PRO C 90 40.92 -0.68 -16.25
N ASN C 91 41.13 0.27 -17.18
CA ASN C 91 40.61 1.64 -17.10
C ASN C 91 39.08 1.74 -17.14
N TYR C 92 38.40 0.66 -17.57
CA TYR C 92 36.94 0.61 -17.68
C TYR C 92 36.31 -0.30 -16.60
N LEU C 93 37.11 -0.78 -15.64
CA LEU C 93 36.69 -1.72 -14.61
C LEU C 93 36.68 -1.18 -13.19
N ASN C 94 35.90 -1.86 -12.30
CA ASN C 94 35.82 -1.60 -10.87
C ASN C 94 35.55 -0.12 -10.53
N LYS C 95 34.47 0.43 -11.09
CA LYS C 95 34.07 1.81 -10.84
C LYS C 95 33.01 1.86 -9.76
N PRO C 96 32.77 3.01 -9.07
CA PRO C 96 31.73 3.06 -8.02
C PRO C 96 30.34 2.59 -8.46
N PHE C 97 29.98 2.70 -9.75
CA PHE C 97 28.65 2.23 -10.21
C PHE C 97 28.49 0.71 -10.07
N ASP C 98 29.59 -0.04 -10.05
CA ASP C 98 29.57 -1.50 -9.92
C ASP C 98 30.93 -2.01 -9.44
N PRO C 99 31.22 -1.87 -8.13
CA PRO C 99 32.53 -2.33 -7.60
C PRO C 99 32.72 -3.83 -7.84
N GLY C 100 33.90 -4.19 -8.33
CA GLY C 100 34.30 -5.56 -8.66
C GLY C 100 33.58 -6.15 -9.85
N ASN C 101 32.82 -5.31 -10.61
CA ASN C 101 32.03 -5.75 -11.78
C ASN C 101 31.17 -6.97 -11.44
N LYS C 102 30.53 -6.92 -10.26
CA LYS C 102 29.67 -8.01 -9.81
C LYS C 102 28.41 -8.09 -10.64
N PHE C 103 27.90 -6.96 -11.14
CA PHE C 103 26.62 -6.94 -11.86
C PHE C 103 26.67 -6.52 -13.34
N SER C 104 27.83 -6.08 -13.82
CA SER C 104 27.93 -5.58 -15.18
C SER C 104 29.31 -5.84 -15.77
N ILE C 105 29.35 -6.06 -17.09
CA ILE C 105 30.60 -6.33 -17.83
C ILE C 105 30.73 -5.26 -18.92
N PRO C 106 31.85 -4.48 -18.96
CA PRO C 106 32.01 -3.49 -20.03
C PRO C 106 31.92 -4.13 -21.39
N TYR C 107 31.18 -3.50 -22.28
CA TYR C 107 30.91 -4.11 -23.57
C TYR C 107 31.20 -3.17 -24.73
N ILE C 108 30.55 -2.00 -24.75
CA ILE C 108 30.79 -1.04 -25.81
C ILE C 108 30.89 0.32 -25.14
N TRP C 109 31.86 1.16 -25.55
CA TRP C 109 31.88 2.55 -25.12
C TRP C 109 31.81 3.38 -26.38
N GLY C 110 31.24 4.56 -26.26
CA GLY C 110 31.12 5.46 -27.39
C GLY C 110 30.98 6.89 -26.93
N ALA C 111 30.76 7.75 -27.89
CA ALA C 111 30.63 9.17 -27.59
C ALA C 111 29.64 9.81 -28.53
N THR C 112 29.07 10.93 -28.09
CA THR C 112 28.15 11.72 -28.88
C THR C 112 28.78 13.08 -29.14
N GLY C 113 28.81 13.45 -30.40
CA GLY C 113 29.31 14.74 -30.86
C GLY C 113 28.29 15.37 -31.79
N ILE C 114 28.77 16.26 -32.64
CA ILE C 114 27.94 16.91 -33.64
C ILE C 114 28.16 16.21 -34.97
N GLY C 115 27.12 15.55 -35.46
CA GLY C 115 27.14 14.90 -36.76
C GLY C 115 27.05 15.92 -37.86
N ILE C 116 27.91 15.79 -38.89
CA ILE C 116 27.95 16.77 -39.97
C ILE C 116 28.06 16.14 -41.34
N ASN C 117 27.30 16.68 -42.30
CA ASN C 117 27.44 16.28 -43.69
C ASN C 117 28.46 17.32 -44.24
N THR C 118 29.70 16.86 -44.51
CA THR C 118 30.79 17.73 -44.96
C THR C 118 30.64 18.27 -46.40
N ASP C 119 29.70 17.70 -47.19
CA ASP C 119 29.41 18.21 -48.53
C ASP C 119 28.50 19.44 -48.41
N MET C 120 27.77 19.55 -47.28
CA MET C 120 26.80 20.61 -46.98
C MET C 120 27.38 21.69 -46.11
N LEU C 121 28.15 21.26 -45.09
CA LEU C 121 28.74 22.16 -44.08
C LEU C 121 30.26 21.96 -43.95
N ASP C 122 30.96 22.96 -43.45
CA ASP C 122 32.41 22.88 -43.20
C ASP C 122 32.60 22.46 -41.72
N LYS C 123 33.59 21.57 -41.47
CA LYS C 123 33.99 21.05 -40.15
C LYS C 123 34.29 22.13 -39.10
N LYS C 124 34.67 23.36 -39.52
CA LYS C 124 35.04 24.48 -38.64
C LYS C 124 33.91 25.48 -38.25
N SER C 125 32.71 25.37 -38.86
CA SER C 125 31.55 26.26 -38.59
C SER C 125 30.82 26.00 -37.24
N LEU C 126 31.05 24.82 -36.63
CA LEU C 126 30.46 24.43 -35.34
C LEU C 126 31.56 23.90 -34.43
N LYS C 127 31.62 24.39 -33.19
CA LYS C 127 32.68 24.01 -32.23
C LYS C 127 32.16 23.57 -30.87
N ASN C 128 30.94 24.00 -30.50
CA ASN C 128 30.37 23.66 -29.20
C ASN C 128 28.87 23.41 -29.29
N TRP C 129 28.29 22.77 -28.26
CA TRP C 129 26.88 22.42 -28.24
C TRP C 129 25.97 23.63 -28.46
N GLY C 130 26.32 24.76 -27.83
CA GLY C 130 25.56 26.01 -27.90
C GLY C 130 25.39 26.55 -29.31
N ASP C 131 26.29 26.17 -30.24
CA ASP C 131 26.22 26.57 -31.68
C ASP C 131 24.95 26.01 -32.34
N LEU C 132 24.43 24.89 -31.84
CA LEU C 132 23.17 24.28 -32.34
C LEU C 132 21.95 25.16 -32.12
N TRP C 133 22.01 26.11 -31.17
CA TRP C 133 20.92 27.04 -30.85
C TRP C 133 20.84 28.21 -31.83
N ASP C 134 21.86 28.40 -32.70
CA ASP C 134 21.86 29.50 -33.67
C ASP C 134 20.60 29.49 -34.54
N ALA C 135 20.04 30.69 -34.80
CA ALA C 135 18.82 30.87 -35.60
C ALA C 135 18.89 30.24 -37.00
N LYS C 136 20.10 30.19 -37.63
CA LYS C 136 20.29 29.60 -38.96
C LYS C 136 19.95 28.11 -39.06
N TRP C 137 19.83 27.41 -37.92
CA TRP C 137 19.53 25.99 -37.90
C TRP C 137 18.03 25.66 -37.77
N ALA C 138 17.13 26.65 -38.04
CA ALA C 138 15.67 26.45 -37.95
C ALA C 138 15.19 25.22 -38.75
N GLY C 139 14.52 24.29 -38.04
CA GLY C 139 13.98 23.04 -38.57
C GLY C 139 14.97 22.13 -39.26
N GLN C 140 16.24 22.13 -38.81
CA GLN C 140 17.29 21.37 -39.50
C GLN C 140 18.02 20.27 -38.70
N LEU C 141 17.92 20.24 -37.38
CA LEU C 141 18.70 19.29 -36.58
C LEU C 141 18.06 17.96 -36.27
N MET C 142 18.92 16.97 -36.00
CA MET C 142 18.49 15.70 -35.42
C MET C 142 19.08 15.70 -34.01
N LEU C 143 18.29 15.32 -33.00
CA LEU C 143 18.80 15.14 -31.65
C LEU C 143 18.65 13.67 -31.31
N MET C 144 19.45 13.15 -30.38
CA MET C 144 19.29 11.77 -29.92
C MET C 144 17.95 11.67 -29.15
N ASP C 145 17.29 10.50 -29.22
CA ASP C 145 16.01 10.29 -28.51
C ASP C 145 16.37 9.70 -27.14
N ASP C 146 17.03 10.56 -26.33
CA ASP C 146 17.60 10.14 -25.07
C ASP C 146 17.57 11.32 -24.10
N ALA C 147 16.79 11.18 -23.02
CA ALA C 147 16.62 12.23 -22.01
C ALA C 147 17.95 12.76 -21.50
N ARG C 148 18.85 11.87 -21.07
CA ARG C 148 20.11 12.28 -20.46
C ARG C 148 21.07 12.93 -21.48
N GLU C 149 21.11 12.44 -22.73
CA GLU C 149 22.00 13.06 -23.72
C GLU C 149 21.53 14.45 -24.10
N VAL C 150 20.21 14.62 -24.32
CA VAL C 150 19.64 15.92 -24.72
C VAL C 150 19.82 16.95 -23.59
N PHE C 151 19.60 16.52 -22.32
CA PHE C 151 19.82 17.41 -21.18
C PHE C 151 21.31 17.72 -20.99
N HIS C 152 22.18 16.74 -21.30
CA HIS C 152 23.63 16.89 -21.19
C HIS C 152 24.08 18.11 -22.00
N ILE C 153 23.61 18.23 -23.26
CA ILE C 153 24.07 19.33 -24.14
C ILE C 153 23.58 20.70 -23.62
N ALA C 154 22.36 20.79 -23.07
CA ALA C 154 21.84 22.05 -22.54
C ALA C 154 22.53 22.41 -21.23
N LEU C 155 22.74 21.41 -20.34
CA LEU C 155 23.45 21.64 -19.08
C LEU C 155 24.88 22.12 -19.34
N SER C 156 25.54 21.49 -20.33
CA SER C 156 26.89 21.87 -20.75
C SER C 156 26.88 23.33 -21.23
N LYS C 157 25.91 23.68 -22.09
CA LYS C 157 25.75 25.04 -22.63
C LYS C 157 25.61 26.06 -21.49
N LEU C 158 24.84 25.71 -20.44
CA LEU C 158 24.60 26.59 -19.29
C LEU C 158 25.73 26.63 -18.26
N GLY C 159 26.73 25.76 -18.43
CA GLY C 159 27.85 25.69 -17.50
C GLY C 159 27.56 24.88 -16.25
N TYR C 160 26.52 24.04 -16.30
CA TYR C 160 26.14 23.15 -15.19
C TYR C 160 26.65 21.74 -15.45
N SER C 161 26.76 20.92 -14.41
CA SER C 161 27.19 19.54 -14.65
C SER C 161 26.11 18.79 -15.46
N PRO C 162 26.50 18.07 -16.53
CA PRO C 162 25.53 17.25 -17.26
C PRO C 162 25.00 16.07 -16.43
N ASN C 163 25.59 15.89 -15.22
CA ASN C 163 25.18 14.88 -14.24
C ASN C 163 24.60 15.53 -12.97
N THR C 164 24.09 16.75 -13.09
CA THR C 164 23.52 17.46 -11.94
C THR C 164 22.29 16.74 -11.36
N THR C 165 22.11 16.87 -10.04
CA THR C 165 20.92 16.38 -9.36
C THR C 165 20.16 17.60 -8.81
N ASN C 166 20.60 18.83 -9.20
CA ASN C 166 19.98 20.07 -8.76
C ASN C 166 18.71 20.36 -9.60
N PRO C 167 17.50 20.29 -8.99
CA PRO C 167 16.26 20.49 -9.77
C PRO C 167 16.14 21.85 -10.47
N LYS C 168 16.73 22.91 -9.89
CA LYS C 168 16.75 24.27 -10.45
C LYS C 168 17.59 24.28 -11.76
N GLU C 169 18.73 23.56 -11.76
CA GLU C 169 19.59 23.45 -12.94
C GLU C 169 18.92 22.61 -14.01
N ILE C 170 18.23 21.52 -13.61
CA ILE C 170 17.50 20.66 -14.55
C ILE C 170 16.40 21.49 -15.24
N LYS C 171 15.65 22.29 -14.45
CA LYS C 171 14.61 23.16 -14.97
C LYS C 171 15.19 24.24 -15.91
N ALA C 172 16.34 24.83 -15.55
CA ALA C 172 17.01 25.82 -16.41
C ALA C 172 17.41 25.17 -17.75
N ALA C 173 17.88 23.90 -17.74
CA ALA C 173 18.25 23.16 -18.96
C ALA C 173 17.00 22.91 -19.81
N TYR C 174 15.87 22.61 -19.17
CA TYR C 174 14.59 22.39 -19.83
C TYR C 174 14.18 23.70 -20.57
N ARG C 175 14.23 24.86 -19.88
CA ARG C 175 13.90 26.15 -20.48
C ARG C 175 14.84 26.45 -21.65
N GLU C 176 16.15 26.08 -21.52
CA GLU C 176 17.13 26.27 -22.57
C GLU C 176 16.79 25.39 -23.79
N LEU C 177 16.38 24.14 -23.53
CA LEU C 177 16.00 23.22 -24.59
C LEU C 177 14.73 23.65 -25.33
N LYS C 178 13.80 24.33 -24.64
CA LYS C 178 12.59 24.88 -25.29
C LYS C 178 12.99 25.88 -26.40
N LYS C 179 14.08 26.64 -26.16
CA LYS C 179 14.60 27.60 -27.15
C LYS C 179 15.29 26.89 -28.34
N LEU C 180 15.72 25.64 -28.15
CA LEU C 180 16.35 24.85 -29.22
C LEU C 180 15.31 24.16 -30.10
N MET C 181 14.11 23.86 -29.56
CA MET C 181 13.05 23.14 -30.26
C MET C 181 12.71 23.69 -31.67
N PRO C 182 12.69 25.03 -31.97
CA PRO C 182 12.47 25.47 -33.37
C PRO C 182 13.54 24.97 -34.37
N ASN C 183 14.72 24.54 -33.88
CA ASN C 183 15.78 24.03 -34.76
C ASN C 183 15.72 22.51 -34.93
N VAL C 184 14.86 21.83 -34.16
CA VAL C 184 14.79 20.37 -34.14
C VAL C 184 13.80 19.81 -35.14
N LEU C 185 14.30 18.98 -36.06
CA LEU C 185 13.46 18.31 -37.03
C LEU C 185 12.99 16.96 -36.48
N VAL C 186 13.91 16.19 -35.87
CA VAL C 186 13.63 14.83 -35.39
C VAL C 186 14.47 14.40 -34.21
N PHE C 187 13.96 13.45 -33.39
CA PHE C 187 14.67 12.77 -32.33
C PHE C 187 14.93 11.33 -32.81
N ASN C 188 16.19 10.80 -32.70
CA ASN C 188 16.51 9.42 -33.12
C ASN C 188 17.65 8.73 -32.35
N SER C 189 17.39 7.52 -31.79
CA SER C 189 18.37 6.69 -31.08
C SER C 189 18.29 5.21 -31.53
N ASP C 190 17.49 4.96 -32.57
CA ASP C 190 17.28 3.62 -33.11
C ASP C 190 18.36 3.38 -34.16
N PHE C 191 18.32 4.08 -35.31
CA PHE C 191 19.36 4.02 -36.33
C PHE C 191 19.64 5.49 -36.69
N PRO C 192 20.41 6.18 -35.81
CA PRO C 192 20.62 7.63 -35.99
C PRO C 192 21.33 8.05 -37.27
N ALA C 193 22.06 7.12 -37.92
CA ALA C 193 22.76 7.40 -39.18
C ALA C 193 21.78 7.63 -40.32
N ASN C 194 20.59 6.98 -40.25
CA ASN C 194 19.56 7.00 -41.30
C ASN C 194 19.11 8.42 -41.72
N PRO C 195 18.71 9.37 -40.83
CA PRO C 195 18.35 10.73 -41.32
C PRO C 195 19.50 11.48 -42.02
N TYR C 196 20.78 11.19 -41.66
CA TYR C 196 21.95 11.79 -42.33
C TYR C 196 22.15 11.13 -43.71
N LEU C 197 22.04 9.79 -43.77
CA LEU C 197 22.15 9.01 -45.01
C LEU C 197 21.07 9.38 -46.04
N ALA C 198 19.84 9.64 -45.56
CA ALA C 198 18.69 10.01 -46.39
C ALA C 198 18.73 11.46 -46.89
N GLY C 199 19.60 12.27 -46.29
CA GLY C 199 19.72 13.69 -46.63
C GLY C 199 18.62 14.52 -46.00
N GLU C 200 17.98 13.98 -44.94
CA GLU C 200 16.93 14.66 -44.19
C GLU C 200 17.55 15.72 -43.26
N VAL C 201 18.73 15.43 -42.70
CA VAL C 201 19.50 16.34 -41.84
C VAL C 201 20.94 16.41 -42.32
N SER C 202 21.57 17.58 -42.15
CA SER C 202 22.97 17.78 -42.48
C SER C 202 23.77 17.89 -41.20
N LEU C 203 23.09 17.99 -40.04
CA LEU C 203 23.74 18.15 -38.74
C LEU C 203 22.82 17.84 -37.58
N GLY C 204 23.43 17.67 -36.43
CA GLY C 204 22.72 17.41 -35.18
C GLY C 204 23.62 16.69 -34.23
N MET C 205 23.01 15.99 -33.28
CA MET C 205 23.77 15.13 -32.39
C MET C 205 23.96 13.83 -33.14
N LEU C 206 25.08 13.15 -32.93
CA LEU C 206 25.31 11.84 -33.54
C LEU C 206 26.34 11.06 -32.79
N TRP C 207 26.10 9.76 -32.63
CA TRP C 207 27.03 8.83 -32.00
C TRP C 207 28.17 8.57 -32.99
N ASN C 208 29.40 8.38 -32.49
CA ASN C 208 30.55 8.06 -33.33
C ASN C 208 30.31 6.79 -34.19
N GLY C 209 29.77 5.73 -33.60
CA GLY C 209 29.50 4.50 -34.34
C GLY C 209 28.54 4.68 -35.51
N SER C 210 27.42 5.39 -35.25
CA SER C 210 26.39 5.68 -36.27
C SER C 210 26.99 6.46 -37.45
N ALA C 211 27.84 7.48 -37.19
CA ALA C 211 28.48 8.25 -38.26
C ALA C 211 29.37 7.34 -39.10
N TYR C 212 30.16 6.47 -38.45
CA TYR C 212 31.04 5.52 -39.16
C TYR C 212 30.23 4.64 -40.10
N MET C 213 29.11 4.07 -39.61
CA MET C 213 28.24 3.22 -40.43
C MET C 213 27.72 4.00 -41.65
N ALA C 214 27.44 5.31 -41.49
CA ALA C 214 27.02 6.18 -42.60
C ALA C 214 28.16 6.33 -43.62
N ARG C 215 29.42 6.49 -43.13
CA ARG C 215 30.61 6.60 -44.02
C ARG C 215 30.84 5.30 -44.78
N GLN C 216 30.59 4.15 -44.13
CA GLN C 216 30.75 2.83 -44.75
C GLN C 216 29.76 2.62 -45.91
N GLU C 217 28.60 3.33 -45.86
CA GLU C 217 27.55 3.33 -46.88
C GLU C 217 27.80 4.41 -47.96
N GLY C 218 28.93 5.12 -47.87
CA GLY C 218 29.36 6.13 -48.83
C GLY C 218 29.02 7.57 -48.54
N ALA C 219 28.36 7.86 -47.40
CA ALA C 219 27.95 9.22 -47.04
C ALA C 219 29.06 10.01 -46.33
N PRO C 220 29.23 11.32 -46.64
CA PRO C 220 30.30 12.09 -45.98
C PRO C 220 29.88 12.59 -44.60
N ILE C 221 29.60 11.67 -43.68
CA ILE C 221 29.15 12.01 -42.34
C ILE C 221 30.26 11.92 -41.33
N GLN C 222 30.69 13.07 -40.85
CA GLN C 222 31.76 13.16 -39.88
C GLN C 222 31.20 13.59 -38.52
N ILE C 223 32.06 13.58 -37.50
CA ILE C 223 31.75 14.04 -36.16
C ILE C 223 32.64 15.26 -35.84
N ILE C 224 32.02 16.37 -35.41
CA ILE C 224 32.70 17.53 -34.86
C ILE C 224 32.60 17.27 -33.35
N TRP C 225 33.74 17.19 -32.66
CA TRP C 225 33.71 16.95 -31.23
C TRP C 225 33.59 18.26 -30.49
N PRO C 226 32.47 18.52 -29.77
CA PRO C 226 32.36 19.78 -29.02
C PRO C 226 33.56 19.99 -28.10
N GLU C 227 34.13 21.20 -28.14
CA GLU C 227 35.35 21.52 -27.37
C GLU C 227 35.22 21.17 -25.88
N LYS C 228 34.04 21.40 -25.31
CA LYS C 228 33.69 21.09 -23.93
C LYS C 228 32.38 20.31 -23.94
N GLY C 229 32.21 19.42 -22.97
CA GLY C 229 30.94 18.70 -22.80
C GLY C 229 30.64 17.59 -23.78
N THR C 230 31.67 17.09 -24.53
CA THR C 230 31.41 15.92 -25.38
C THR C 230 30.83 14.82 -24.46
N ILE C 231 29.83 14.09 -24.94
CA ILE C 231 29.17 13.02 -24.16
C ILE C 231 29.96 11.72 -24.30
N PHE C 232 30.40 11.14 -23.19
CA PHE C 232 31.04 9.82 -23.18
C PHE C 232 30.09 8.89 -22.45
N TRP C 233 29.96 7.68 -22.96
CA TRP C 233 29.07 6.69 -22.31
C TRP C 233 29.58 5.29 -22.51
N MET C 234 29.14 4.39 -21.65
CA MET C 234 29.53 3.00 -21.80
C MET C 234 28.33 2.12 -21.51
N ASP C 235 28.15 1.12 -22.35
CA ASP C 235 27.13 0.09 -22.24
C ASP C 235 27.79 -1.16 -21.73
N SER C 236 27.16 -1.78 -20.75
CA SER C 236 27.68 -2.99 -20.12
C SER C 236 26.66 -4.06 -20.16
N ILE C 237 27.07 -5.33 -20.17
CA ILE C 237 26.15 -6.45 -20.19
C ILE C 237 25.83 -6.88 -18.76
N SER C 238 24.55 -7.14 -18.49
CA SER C 238 24.06 -7.58 -17.18
C SER C 238 23.11 -8.77 -17.33
N ILE C 239 22.90 -9.51 -16.23
CA ILE C 239 22.03 -10.67 -16.20
C ILE C 239 20.83 -10.36 -15.34
N PRO C 240 19.60 -10.30 -15.91
CA PRO C 240 18.43 -10.00 -15.07
C PRO C 240 18.20 -11.03 -13.96
N ALA C 241 17.66 -10.57 -12.84
CA ALA C 241 17.37 -11.42 -11.67
C ALA C 241 16.60 -12.72 -11.98
N GLY C 242 15.61 -12.66 -12.85
CA GLY C 242 14.82 -13.85 -13.15
C GLY C 242 15.31 -14.73 -14.28
N ALA C 243 16.57 -14.51 -14.79
CA ALA C 243 17.11 -15.26 -15.95
C ALA C 243 17.04 -16.77 -15.75
N LYS C 244 16.55 -17.48 -16.79
CA LYS C 244 16.42 -18.95 -16.72
C LYS C 244 17.62 -19.64 -17.36
N ASN C 245 18.34 -18.94 -18.26
CA ASN C 245 19.46 -19.52 -19.02
C ASN C 245 20.78 -18.85 -18.67
N ILE C 246 21.22 -19.06 -17.43
CA ILE C 246 22.42 -18.47 -16.84
C ILE C 246 23.71 -18.92 -17.53
N GLU C 247 23.81 -20.22 -17.88
CA GLU C 247 25.01 -20.73 -18.56
C GLU C 247 25.12 -20.12 -19.95
N ALA C 248 23.99 -20.07 -20.68
CA ALA C 248 23.93 -19.47 -22.01
C ALA C 248 24.32 -17.98 -21.92
N ALA C 249 23.82 -17.26 -20.87
CA ALA C 249 24.09 -15.84 -20.65
C ALA C 249 25.61 -15.61 -20.51
N HIS C 250 26.30 -16.41 -19.69
CA HIS C 250 27.75 -16.29 -19.53
C HIS C 250 28.50 -16.67 -20.83
N LYS C 251 28.01 -17.68 -21.57
CA LYS C 251 28.61 -18.10 -22.84
C LYS C 251 28.56 -16.94 -23.86
N MET C 252 27.42 -16.22 -23.93
CA MET C 252 27.29 -15.08 -24.83
C MET C 252 28.21 -13.93 -24.41
N ILE C 253 28.26 -13.59 -23.10
CA ILE C 253 29.17 -12.51 -22.62
C ILE C 253 30.61 -12.86 -23.05
N ASP C 254 31.06 -14.08 -22.74
CA ASP C 254 32.42 -14.52 -23.09
C ASP C 254 32.67 -14.52 -24.61
N PHE C 255 31.65 -14.88 -25.39
CA PHE C 255 31.71 -14.89 -26.86
C PHE C 255 31.96 -13.45 -27.38
N LEU C 256 31.25 -12.46 -26.80
CA LEU C 256 31.40 -11.05 -27.17
C LEU C 256 32.71 -10.47 -26.68
N LEU C 257 33.23 -10.97 -25.55
CA LEU C 257 34.52 -10.52 -25.00
C LEU C 257 35.70 -11.05 -25.80
N ARG C 258 35.51 -12.18 -26.50
CA ARG C 258 36.57 -12.81 -27.31
C ARG C 258 37.18 -11.71 -28.21
N PRO C 259 38.48 -11.41 -28.05
CA PRO C 259 39.10 -10.28 -28.78
C PRO C 259 38.85 -10.27 -30.30
N GLU C 260 38.90 -11.43 -30.98
CA GLU C 260 38.64 -11.50 -32.42
C GLU C 260 37.21 -11.11 -32.75
N ASN C 261 36.25 -11.45 -31.88
CA ASN C 261 34.85 -11.07 -32.05
C ASN C 261 34.63 -9.59 -31.78
N ALA C 262 35.14 -9.08 -30.64
CA ALA C 262 34.98 -7.67 -30.29
C ALA C 262 35.61 -6.77 -31.37
N ALA C 263 36.80 -7.14 -31.93
CA ALA C 263 37.45 -6.35 -32.98
C ALA C 263 36.67 -6.41 -34.30
N LYS C 264 36.25 -7.61 -34.74
CA LYS C 264 35.49 -7.80 -35.99
C LYS C 264 34.18 -7.00 -35.93
N ILE C 265 33.47 -7.09 -34.79
CA ILE C 265 32.21 -6.35 -34.61
C ILE C 265 32.45 -4.83 -34.64
N ALA C 266 33.49 -4.34 -33.90
CA ALA C 266 33.87 -2.92 -33.86
C ALA C 266 34.07 -2.38 -35.29
N LEU C 267 34.75 -3.15 -36.18
CA LEU C 267 34.97 -2.76 -37.57
C LEU C 267 33.67 -2.65 -38.38
N GLU C 268 32.64 -3.41 -37.99
CA GLU C 268 31.35 -3.34 -38.66
C GLU C 268 30.44 -2.23 -38.13
N ILE C 269 30.44 -2.01 -36.81
CA ILE C 269 29.50 -1.06 -36.17
C ILE C 269 30.07 0.33 -35.85
N GLY C 270 31.40 0.48 -35.91
CA GLY C 270 32.07 1.76 -35.72
C GLY C 270 32.27 2.27 -34.32
N TYR C 271 32.04 1.41 -33.33
CA TYR C 271 32.21 1.84 -31.95
C TYR C 271 33.51 1.36 -31.34
N PRO C 272 34.09 2.16 -30.43
CA PRO C 272 35.25 1.69 -29.68
C PRO C 272 34.89 0.48 -28.80
N THR C 273 35.91 -0.23 -28.36
CA THR C 273 35.74 -1.40 -27.48
C THR C 273 36.56 -1.26 -26.18
N PRO C 274 35.96 -1.62 -25.02
CA PRO C 274 36.71 -1.61 -23.75
C PRO C 274 37.52 -2.90 -23.57
N VAL C 275 37.50 -3.80 -24.59
CA VAL C 275 38.29 -5.04 -24.57
C VAL C 275 39.67 -4.64 -25.11
N LYS C 276 40.65 -4.48 -24.20
CA LYS C 276 42.00 -4.02 -24.53
C LYS C 276 42.65 -4.85 -25.64
N THR C 277 42.58 -6.19 -25.50
CA THR C 277 43.18 -7.13 -26.46
C THR C 277 42.59 -6.92 -27.86
N ALA C 278 41.27 -6.64 -27.94
CA ALA C 278 40.55 -6.36 -29.19
C ALA C 278 40.96 -5.02 -29.76
N HIS C 279 41.01 -3.95 -28.90
CA HIS C 279 41.45 -2.62 -29.30
C HIS C 279 42.82 -2.67 -29.99
N ASP C 280 43.74 -3.50 -29.46
CA ASP C 280 45.08 -3.68 -30.00
C ASP C 280 45.09 -4.37 -31.38
N LEU C 281 44.02 -5.12 -31.71
CA LEU C 281 43.89 -5.82 -32.99
C LEU C 281 43.37 -4.89 -34.10
N LEU C 282 42.83 -3.70 -33.74
CA LEU C 282 42.23 -2.78 -34.70
C LEU C 282 43.21 -2.13 -35.69
N PRO C 283 42.84 -2.02 -37.01
CA PRO C 283 43.74 -1.36 -37.96
C PRO C 283 43.89 0.13 -37.66
N LYS C 284 45.06 0.68 -37.99
CA LYS C 284 45.40 2.08 -37.79
C LYS C 284 44.34 3.03 -38.34
N GLU C 285 43.75 2.72 -39.50
CA GLU C 285 42.68 3.49 -40.17
C GLU C 285 41.46 3.63 -39.26
N PHE C 286 41.15 2.58 -38.48
CA PHE C 286 40.03 2.62 -37.56
C PHE C 286 40.45 3.32 -36.25
N ALA C 287 41.57 2.85 -35.64
CA ALA C 287 42.12 3.34 -34.37
C ALA C 287 42.43 4.84 -34.36
N ASN C 288 42.82 5.38 -35.52
CA ASN C 288 43.17 6.81 -35.63
C ASN C 288 42.13 7.62 -36.43
N ASP C 289 40.90 7.06 -36.61
CA ASP C 289 39.83 7.78 -37.29
C ASP C 289 39.37 8.91 -36.33
N PRO C 290 39.56 10.20 -36.74
CA PRO C 290 39.23 11.31 -35.83
C PRO C 290 37.76 11.45 -35.49
N SER C 291 36.85 10.91 -36.34
CA SER C 291 35.41 10.96 -36.10
C SER C 291 34.97 9.82 -35.15
N ILE C 292 35.88 8.88 -34.81
CA ILE C 292 35.58 7.81 -33.85
C ILE C 292 36.21 8.14 -32.51
N TYR C 293 37.54 8.36 -32.50
CA TYR C 293 38.29 8.57 -31.29
C TYR C 293 38.52 10.03 -31.02
N PRO C 294 37.87 10.59 -29.98
CA PRO C 294 38.04 12.03 -29.71
C PRO C 294 39.45 12.39 -29.25
N PRO C 295 39.94 13.61 -29.61
CA PRO C 295 41.28 14.03 -29.12
C PRO C 295 41.34 14.17 -27.60
N GLN C 296 42.56 14.09 -27.02
CA GLN C 296 42.75 14.19 -25.56
C GLN C 296 42.09 15.42 -24.94
N SER C 297 42.20 16.60 -25.57
CA SER C 297 41.58 17.83 -25.05
C SER C 297 40.04 17.69 -24.89
N VAL C 298 39.40 17.01 -25.84
CA VAL C 298 37.95 16.72 -25.86
C VAL C 298 37.60 15.78 -24.71
N ILE C 299 38.43 14.75 -24.49
CA ILE C 299 38.26 13.81 -23.39
C ILE C 299 38.34 14.58 -22.06
N ASP C 300 39.41 15.35 -21.87
CA ASP C 300 39.64 16.13 -20.66
C ASP C 300 38.52 17.12 -20.32
N ASN C 301 37.88 17.70 -21.34
CA ASN C 301 36.82 18.70 -21.16
C ASN C 301 35.42 18.12 -21.34
N GLY C 302 35.35 16.82 -21.56
CA GLY C 302 34.08 16.11 -21.75
C GLY C 302 33.60 15.49 -20.45
N GLU C 303 32.47 14.75 -20.50
CA GLU C 303 31.94 14.10 -19.30
C GLU C 303 31.34 12.74 -19.59
N TRP C 304 31.66 11.77 -18.74
CA TRP C 304 31.02 10.46 -18.81
C TRP C 304 29.64 10.63 -18.22
N GLN C 305 28.63 9.99 -18.85
CA GLN C 305 27.28 10.01 -18.31
C GLN C 305 27.26 9.20 -17.04
N ASP C 306 26.83 9.85 -15.96
CA ASP C 306 26.79 9.24 -14.63
C ASP C 306 25.37 9.18 -14.08
N GLU C 307 25.19 8.34 -13.04
CA GLU C 307 23.92 8.21 -12.33
C GLU C 307 23.54 9.56 -11.70
N VAL C 308 22.25 9.81 -11.60
CA VAL C 308 21.70 11.04 -11.01
C VAL C 308 20.72 10.67 -9.90
N GLY C 309 20.82 9.44 -9.41
CA GLY C 309 19.94 8.91 -8.38
C GLY C 309 18.48 9.08 -8.75
N GLU C 310 17.69 9.51 -7.79
CA GLU C 310 16.24 9.71 -7.96
C GLU C 310 15.89 10.89 -8.86
N ALA C 311 16.87 11.77 -9.22
CA ALA C 311 16.64 12.90 -10.14
C ALA C 311 16.33 12.42 -11.58
N SER C 312 16.56 11.11 -11.85
CA SER C 312 16.28 10.51 -13.17
C SER C 312 14.80 10.76 -13.57
N VAL C 313 13.88 10.79 -12.58
CA VAL C 313 12.46 11.04 -12.84
C VAL C 313 12.24 12.47 -13.42
N LEU C 314 12.96 13.49 -12.92
CA LEU C 314 12.86 14.88 -13.44
C LEU C 314 13.34 14.98 -14.86
N TYR C 315 14.51 14.37 -15.18
CA TYR C 315 15.04 14.37 -16.53
C TYR C 315 14.00 13.77 -17.50
N ASP C 316 13.40 12.63 -17.12
CA ASP C 316 12.36 11.96 -17.93
C ASP C 316 11.12 12.83 -18.13
N GLU C 317 10.62 13.40 -17.04
CA GLU C 317 9.41 14.22 -17.05
C GLU C 317 9.57 15.42 -17.97
N TYR C 318 10.69 16.13 -17.84
CA TYR C 318 10.94 17.30 -18.68
C TYR C 318 11.23 16.92 -20.11
N PHE C 319 11.94 15.80 -20.35
CA PHE C 319 12.23 15.38 -21.72
C PHE C 319 10.93 15.02 -22.45
N GLN C 320 10.01 14.35 -21.74
CA GLN C 320 8.71 14.01 -22.32
C GLN C 320 7.92 15.27 -22.68
N LYS C 321 7.97 16.30 -21.81
CA LYS C 321 7.33 17.61 -22.05
C LYS C 321 7.91 18.26 -23.34
N LEU C 322 9.25 18.21 -23.54
CA LEU C 322 9.93 18.77 -24.73
C LEU C 322 9.42 18.11 -26.02
N LYS C 323 9.28 16.77 -26.02
CA LYS C 323 8.86 16.03 -27.19
C LYS C 323 7.39 16.25 -27.56
N VAL C 324 6.51 16.55 -26.57
CA VAL C 324 5.07 16.79 -26.75
C VAL C 324 4.76 18.22 -27.20
N ASN C 325 5.27 19.23 -26.48
CA ASN C 325 5.04 20.64 -26.84
C ASN C 325 6.33 21.33 -27.27
N LYS D 4 -2.09 35.41 1.77
CA LYS D 4 -0.74 34.83 1.74
C LYS D 4 0.00 35.11 3.05
N ASP D 5 0.54 34.05 3.67
CA ASP D 5 1.30 34.09 4.94
C ASP D 5 0.48 34.47 6.18
N GLN D 6 -0.87 34.32 6.11
CA GLN D 6 -1.79 34.51 7.24
C GLN D 6 -2.03 33.11 7.86
N GLU D 7 -1.62 32.07 7.14
CA GLU D 7 -1.73 30.70 7.62
C GLU D 7 -0.50 29.89 7.27
N LEU D 8 -0.38 28.74 7.90
CA LEU D 8 0.75 27.86 7.69
C LEU D 8 0.27 26.41 7.73
N TYR D 9 0.53 25.65 6.66
CA TYR D 9 0.17 24.21 6.61
C TYR D 9 1.43 23.45 6.97
N PHE D 10 1.41 22.84 8.15
CA PHE D 10 2.58 22.18 8.73
C PHE D 10 2.30 20.72 8.96
N TYR D 11 3.07 19.86 8.30
CA TYR D 11 2.98 18.39 8.35
C TYR D 11 4.22 17.90 9.10
N ASN D 12 4.01 17.29 10.28
CA ASN D 12 5.15 16.92 11.14
C ASN D 12 4.95 15.55 11.79
N TRP D 13 5.98 15.03 12.44
CA TRP D 13 5.88 13.77 13.19
C TRP D 13 4.97 14.04 14.42
N SER D 14 4.30 13.01 14.87
CA SER D 14 3.55 13.09 16.12
C SER D 14 4.59 13.24 17.27
N GLU D 15 4.14 13.67 18.47
CA GLU D 15 4.92 13.87 19.71
C GLU D 15 5.68 15.20 19.77
N TYR D 16 6.15 15.73 18.62
CA TYR D 16 7.09 16.83 18.58
C TYR D 16 6.61 18.21 19.05
N ILE D 17 5.39 18.60 18.73
CA ILE D 17 4.96 19.94 19.10
C ILE D 17 3.73 19.92 20.01
N PRO D 18 3.93 20.28 21.30
CA PRO D 18 2.78 20.40 22.23
C PRO D 18 1.83 21.49 21.72
N SER D 19 0.51 21.28 21.89
CA SER D 19 -0.53 22.22 21.45
C SER D 19 -0.27 23.67 21.91
N GLU D 20 0.23 23.88 23.16
CA GLU D 20 0.50 25.22 23.71
C GLU D 20 1.59 26.00 22.92
N VAL D 21 2.53 25.27 22.30
CA VAL D 21 3.60 25.86 21.50
C VAL D 21 3.02 26.46 20.19
N LEU D 22 2.08 25.75 19.52
CA LEU D 22 1.44 26.26 18.31
C LEU D 22 0.62 27.49 18.65
N GLU D 23 -0.06 27.47 19.83
CA GLU D 23 -0.86 28.60 20.30
C GLU D 23 0.06 29.81 20.48
N ASP D 24 1.25 29.59 21.08
CA ASP D 24 2.24 30.65 21.32
C ASP D 24 2.74 31.24 20.00
N PHE D 25 2.99 30.38 18.96
CA PHE D 25 3.42 30.84 17.65
C PHE D 25 2.36 31.80 17.04
N THR D 26 1.09 31.37 17.05
CA THR D 26 -0.06 32.13 16.54
C THR D 26 -0.23 33.44 17.33
N LYS D 27 -0.04 33.39 18.65
CA LYS D 27 -0.15 34.58 19.52
C LYS D 27 0.92 35.62 19.11
N GLU D 28 2.16 35.15 18.88
CA GLU D 28 3.29 35.98 18.51
C GLU D 28 3.22 36.59 17.08
N THR D 29 2.80 35.79 16.10
CA THR D 29 2.82 36.16 14.69
C THR D 29 1.48 36.52 14.04
N GLY D 30 0.38 36.06 14.64
CA GLY D 30 -0.96 36.22 14.06
C GLY D 30 -1.23 35.17 12.98
N ILE D 31 -0.28 34.23 12.76
CA ILE D 31 -0.39 33.19 11.73
C ILE D 31 -1.10 31.94 12.29
N LYS D 32 -2.23 31.57 11.69
CA LYS D 32 -2.97 30.35 12.02
C LYS D 32 -2.17 29.13 11.53
N VAL D 33 -2.01 28.11 12.39
CA VAL D 33 -1.30 26.88 11.96
C VAL D 33 -2.30 25.77 11.71
N ILE D 34 -2.30 25.20 10.49
CA ILE D 34 -3.15 24.06 10.11
C ILE D 34 -2.17 22.90 10.23
N TYR D 35 -2.24 22.20 11.36
CA TYR D 35 -1.27 21.20 11.73
C TYR D 35 -1.77 19.79 11.53
N SER D 36 -0.90 18.92 11.00
CA SER D 36 -1.28 17.52 10.86
C SER D 36 -0.04 16.68 11.07
N THR D 37 -0.24 15.41 11.41
CA THR D 37 0.91 14.57 11.73
C THR D 37 0.99 13.30 10.92
N TYR D 38 2.17 12.70 10.92
CA TYR D 38 2.42 11.42 10.29
C TYR D 38 3.30 10.60 11.23
N GLU D 39 3.36 9.29 11.00
CA GLU D 39 4.08 8.34 11.84
C GLU D 39 5.34 7.82 11.16
N SER D 40 5.54 8.10 9.85
CA SER D 40 6.75 7.60 9.17
C SER D 40 7.10 8.46 7.97
N ASN D 41 8.38 8.42 7.56
CA ASN D 41 8.81 9.11 6.35
C ASN D 41 8.05 8.53 5.14
N GLU D 42 7.82 7.21 5.14
CA GLU D 42 7.17 6.50 4.02
C GLU D 42 5.76 7.00 3.81
N SER D 43 5.02 7.22 4.91
CA SER D 43 3.63 7.74 4.85
C SER D 43 3.63 9.21 4.40
N MET D 44 4.55 10.03 4.96
CA MET D 44 4.67 11.45 4.61
C MET D 44 4.95 11.58 3.10
N TYR D 45 5.94 10.80 2.63
CA TYR D 45 6.38 10.85 1.24
C TYR D 45 5.25 10.43 0.28
N ALA D 46 4.56 9.31 0.59
CA ALA D 46 3.45 8.82 -0.24
C ALA D 46 2.37 9.89 -0.35
N LYS D 47 2.10 10.61 0.76
CA LYS D 47 1.12 11.70 0.83
C LYS D 47 1.52 12.83 -0.10
N LEU D 48 2.78 13.30 -0.02
CA LEU D 48 3.23 14.41 -0.87
C LEU D 48 3.19 14.01 -2.35
N LYS D 49 3.46 12.72 -2.67
CA LYS D 49 3.39 12.24 -4.07
C LYS D 49 1.99 12.28 -4.69
N THR D 50 0.97 11.82 -3.96
CA THR D 50 -0.39 11.79 -4.50
C THR D 50 -1.13 13.11 -4.31
N GLN D 51 -0.98 13.74 -3.13
CA GLN D 51 -1.72 14.97 -2.83
C GLN D 51 -1.11 16.20 -3.47
N GLY D 52 0.20 16.22 -3.71
CA GLY D 52 0.81 17.37 -4.37
C GLY D 52 0.96 18.60 -3.51
N ALA D 53 0.89 19.79 -4.11
CA ALA D 53 1.11 21.08 -3.45
C ALA D 53 0.12 21.38 -2.35
N GLY D 54 0.61 22.02 -1.30
CA GLY D 54 -0.24 22.44 -0.20
C GLY D 54 0.45 22.65 1.11
N TYR D 55 1.42 21.78 1.44
CA TYR D 55 2.12 21.95 2.72
C TYR D 55 3.19 23.01 2.60
N ASP D 56 3.34 23.80 3.66
CA ASP D 56 4.38 24.84 3.73
C ASP D 56 5.63 24.30 4.44
N LEU D 57 5.46 23.30 5.31
CA LEU D 57 6.56 22.67 6.04
C LEU D 57 6.32 21.19 6.11
N VAL D 58 7.39 20.40 5.97
CA VAL D 58 7.37 18.94 6.16
C VAL D 58 8.66 18.59 6.90
N VAL D 59 8.71 17.45 7.56
CA VAL D 59 9.88 17.14 8.42
C VAL D 59 10.48 15.77 8.09
N PRO D 60 11.27 15.66 7.01
CA PRO D 60 11.83 14.34 6.71
C PRO D 60 13.00 13.97 7.60
N SER D 61 13.19 12.65 7.82
CA SER D 61 14.43 12.22 8.46
C SER D 61 15.54 12.47 7.44
N THR D 62 16.80 12.58 7.89
CA THR D 62 17.93 12.89 7.01
C THR D 62 18.06 11.91 5.84
N TYR D 63 17.69 10.62 6.05
CA TYR D 63 17.81 9.60 5.02
C TYR D 63 16.74 9.73 3.92
N PHE D 64 15.83 10.73 4.02
CA PHE D 64 14.83 11.04 2.99
C PHE D 64 15.12 12.35 2.28
N VAL D 65 15.99 13.21 2.86
CA VAL D 65 16.23 14.56 2.32
C VAL D 65 16.79 14.53 0.90
N SER D 66 17.86 13.74 0.66
CA SER D 66 18.47 13.68 -0.67
C SER D 66 17.51 13.23 -1.74
N LYS D 67 16.73 12.19 -1.45
CA LYS D 67 15.72 11.63 -2.35
C LYS D 67 14.66 12.71 -2.71
N MET D 68 14.11 13.39 -1.68
CA MET D 68 13.10 14.43 -1.92
C MET D 68 13.66 15.63 -2.69
N ARG D 69 14.89 16.03 -2.39
CA ARG D 69 15.53 17.13 -3.10
C ARG D 69 15.70 16.76 -4.58
N LYS D 70 16.26 15.57 -4.85
CA LYS D 70 16.52 15.08 -6.22
C LYS D 70 15.24 14.95 -7.05
N GLU D 71 14.11 14.65 -6.38
CA GLU D 71 12.82 14.48 -7.04
C GLU D 71 12.05 15.80 -7.22
N GLY D 72 12.67 16.93 -6.86
CA GLY D 72 12.07 18.25 -6.99
C GLY D 72 10.92 18.51 -6.02
N MET D 73 10.91 17.79 -4.89
CA MET D 73 9.84 17.91 -3.90
C MET D 73 10.03 19.04 -2.91
N LEU D 74 11.26 19.60 -2.84
CA LEU D 74 11.60 20.63 -1.86
C LEU D 74 12.10 21.91 -2.51
N GLN D 75 12.12 23.00 -1.76
CA GLN D 75 12.69 24.25 -2.24
C GLN D 75 13.77 24.73 -1.30
N GLU D 76 14.68 25.57 -1.82
CA GLU D 76 15.78 26.09 -1.02
C GLU D 76 15.31 26.96 0.12
N ILE D 77 15.92 26.78 1.29
CA ILE D 77 15.58 27.52 2.51
C ILE D 77 16.53 28.71 2.59
N ASP D 78 15.97 29.90 2.81
CA ASP D 78 16.77 31.12 2.91
C ASP D 78 17.29 31.32 4.35
N HIS D 79 18.61 31.09 4.59
CA HIS D 79 19.23 31.21 5.92
C HIS D 79 19.13 32.63 6.48
N SER D 80 19.05 33.66 5.60
CA SER D 80 18.95 35.07 5.99
C SER D 80 17.61 35.35 6.70
N LYS D 81 16.60 34.48 6.48
CA LYS D 81 15.30 34.60 7.15
C LYS D 81 15.31 33.84 8.50
N LEU D 82 16.42 33.16 8.81
CA LEU D 82 16.57 32.38 10.06
C LEU D 82 17.61 33.02 10.98
N SER D 83 17.18 33.96 11.83
CA SER D 83 18.07 34.66 12.77
C SER D 83 18.74 33.71 13.75
N HIS D 84 18.14 32.53 14.01
CA HIS D 84 18.69 31.55 14.95
C HIS D 84 19.47 30.41 14.26
N PHE D 85 19.77 30.55 12.96
CA PHE D 85 20.59 29.54 12.26
C PHE D 85 21.95 29.39 12.96
N LYS D 86 22.52 30.51 13.46
CA LYS D 86 23.78 30.57 14.19
C LYS D 86 23.77 29.74 15.50
N ASP D 87 22.57 29.44 16.02
CA ASP D 87 22.38 28.66 17.25
C ASP D 87 22.50 27.15 17.07
N LEU D 88 22.48 26.68 15.83
CA LEU D 88 22.59 25.25 15.51
C LEU D 88 23.97 24.73 15.81
N ASP D 89 24.03 23.48 16.28
CA ASP D 89 25.28 22.81 16.58
C ASP D 89 25.95 22.48 15.22
N PRO D 90 27.19 22.97 14.96
CA PRO D 90 27.87 22.67 13.68
C PRO D 90 28.04 21.19 13.36
N ASN D 91 28.09 20.33 14.39
CA ASN D 91 28.24 18.86 14.25
C ASN D 91 27.06 18.19 13.55
N TYR D 92 25.91 18.88 13.46
CA TYR D 92 24.70 18.34 12.83
C TYR D 92 24.44 19.04 11.48
N LEU D 93 25.34 19.95 11.11
CA LEU D 93 25.21 20.74 9.88
C LEU D 93 26.10 20.24 8.75
N ASN D 94 25.75 20.67 7.51
CA ASN D 94 26.56 20.50 6.31
C ASN D 94 27.07 19.07 6.07
N LYS D 95 26.14 18.12 6.03
CA LYS D 95 26.46 16.71 5.80
C LYS D 95 26.23 16.38 4.34
N PRO D 96 26.78 15.27 3.79
CA PRO D 96 26.55 14.95 2.37
C PRO D 96 25.08 14.85 1.94
N PHE D 97 24.15 14.50 2.87
CA PHE D 97 22.72 14.43 2.52
C PHE D 97 22.14 15.79 2.12
N ASP D 98 22.75 16.89 2.59
CA ASP D 98 22.29 18.24 2.29
C ASP D 98 23.43 19.25 2.51
N PRO D 99 24.41 19.33 1.58
CA PRO D 99 25.52 20.28 1.77
C PRO D 99 25.03 21.73 1.86
N GLY D 100 25.56 22.44 2.83
CA GLY D 100 25.22 23.84 3.11
C GLY D 100 23.81 24.03 3.66
N ASN D 101 23.11 22.92 4.02
CA ASN D 101 21.74 22.97 4.54
C ASN D 101 20.81 23.81 3.63
N LYS D 102 20.94 23.59 2.31
CA LYS D 102 20.12 24.34 1.36
C LYS D 102 18.66 23.92 1.42
N PHE D 103 18.39 22.65 1.75
CA PHE D 103 17.03 22.09 1.74
C PHE D 103 16.47 21.60 3.05
N SER D 104 17.28 21.57 4.11
CA SER D 104 16.83 21.04 5.40
C SER D 104 17.52 21.72 6.55
N ILE D 105 16.79 21.84 7.68
CA ILE D 105 17.32 22.47 8.91
C ILE D 105 17.22 21.43 10.04
N PRO D 106 18.35 21.09 10.73
CA PRO D 106 18.28 20.11 11.84
C PRO D 106 17.27 20.55 12.87
N TYR D 107 16.51 19.59 13.38
CA TYR D 107 15.39 19.94 14.25
C TYR D 107 15.32 19.09 15.49
N ILE D 108 15.25 17.74 15.34
CA ILE D 108 15.23 16.83 16.50
C ILE D 108 16.09 15.64 16.14
N TRP D 109 16.94 15.15 17.07
CA TRP D 109 17.62 13.87 16.81
C TRP D 109 17.27 12.97 17.97
N GLY D 110 17.41 11.69 17.75
CA GLY D 110 17.07 10.74 18.79
C GLY D 110 17.61 9.37 18.49
N ALA D 111 17.13 8.39 19.25
CA ALA D 111 17.61 7.04 19.10
C ALA D 111 16.55 6.03 19.47
N THR D 112 16.69 4.82 18.94
CA THR D 112 15.80 3.71 19.22
C THR D 112 16.58 2.61 19.94
N GLY D 113 16.04 2.20 21.08
CA GLY D 113 16.59 1.10 21.86
C GLY D 113 15.49 0.11 22.19
N ILE D 114 15.68 -0.65 23.25
CA ILE D 114 14.69 -1.60 23.74
C ILE D 114 13.97 -0.95 24.93
N GLY D 115 12.67 -0.72 24.76
CA GLY D 115 11.82 -0.17 25.80
C GLY D 115 11.42 -1.31 26.74
N ILE D 116 11.48 -1.06 28.05
CA ILE D 116 11.17 -2.11 29.01
C ILE D 116 10.41 -1.53 30.23
N ASN D 117 9.36 -2.23 30.68
CA ASN D 117 8.63 -1.87 31.89
C ASN D 117 9.33 -2.67 33.00
N THR D 118 10.10 -1.95 33.86
CA THR D 118 10.92 -2.56 34.94
C THR D 118 10.09 -3.15 36.10
N ASP D 119 8.80 -2.81 36.21
CA ASP D 119 7.93 -3.42 37.24
C ASP D 119 7.47 -4.79 36.74
N MET D 120 7.53 -5.01 35.43
CA MET D 120 7.09 -6.25 34.80
C MET D 120 8.21 -7.21 34.46
N LEU D 121 9.35 -6.68 34.02
CA LEU D 121 10.46 -7.46 33.52
C LEU D 121 11.80 -6.97 34.06
N ASP D 122 12.84 -7.81 33.99
CA ASP D 122 14.20 -7.45 34.43
C ASP D 122 15.07 -6.97 33.26
N LYS D 123 15.70 -5.79 33.42
CA LYS D 123 16.61 -5.13 32.45
C LYS D 123 17.78 -6.02 31.97
N LYS D 124 18.38 -6.79 32.92
CA LYS D 124 19.52 -7.69 32.72
C LYS D 124 19.31 -8.77 31.66
N SER D 125 18.06 -9.22 31.48
CA SER D 125 17.70 -10.28 30.54
C SER D 125 17.80 -9.92 29.03
N LEU D 126 17.96 -8.62 28.69
CA LEU D 126 18.05 -8.20 27.27
C LEU D 126 19.30 -7.35 27.05
N LYS D 127 20.10 -7.69 26.04
CA LYS D 127 21.34 -6.97 25.75
C LYS D 127 21.46 -6.59 24.27
N ASN D 128 20.78 -7.33 23.38
CA ASN D 128 20.92 -7.14 21.94
C ASN D 128 19.59 -7.24 21.22
N TRP D 129 19.52 -6.72 19.99
CA TRP D 129 18.28 -6.80 19.20
C TRP D 129 17.80 -8.25 19.03
N GLY D 130 18.76 -9.17 18.81
CA GLY D 130 18.49 -10.59 18.61
C GLY D 130 17.75 -11.27 19.76
N ASP D 131 17.84 -10.69 20.97
CA ASP D 131 17.13 -11.16 22.17
C ASP D 131 15.62 -11.05 22.03
N LEU D 132 15.15 -10.12 21.20
CA LEU D 132 13.71 -9.96 20.94
C LEU D 132 13.10 -11.18 20.23
N TRP D 133 13.94 -12.00 19.55
CA TRP D 133 13.53 -13.22 18.83
C TRP D 133 13.33 -14.42 19.79
N ASP D 134 13.69 -14.27 21.07
CA ASP D 134 13.54 -15.36 22.04
C ASP D 134 12.10 -15.84 22.11
N ALA D 135 11.91 -17.16 22.27
CA ALA D 135 10.60 -17.82 22.37
C ALA D 135 9.70 -17.22 23.45
N LYS D 136 10.30 -16.84 24.60
CA LYS D 136 9.55 -16.31 25.73
C LYS D 136 8.77 -15.01 25.46
N TRP D 137 9.09 -14.30 24.35
CA TRP D 137 8.41 -13.06 23.99
C TRP D 137 7.21 -13.24 23.05
N ALA D 138 6.68 -14.48 22.88
CA ALA D 138 5.51 -14.76 22.03
C ALA D 138 4.34 -13.80 22.34
N GLY D 139 3.87 -13.11 21.31
CA GLY D 139 2.76 -12.16 21.34
C GLY D 139 2.90 -11.02 22.33
N GLN D 140 4.13 -10.56 22.58
CA GLN D 140 4.34 -9.55 23.63
C GLN D 140 4.98 -8.22 23.21
N LEU D 141 5.59 -8.14 22.01
CA LEU D 141 6.36 -6.95 21.67
C LEU D 141 5.65 -5.86 20.91
N MET D 142 6.14 -4.63 21.11
CA MET D 142 5.75 -3.52 20.25
C MET D 142 6.97 -3.27 19.34
N LEU D 143 6.74 -3.07 18.04
CA LEU D 143 7.83 -2.65 17.16
C LEU D 143 7.45 -1.29 16.65
N MET D 144 8.45 -0.51 16.20
CA MET D 144 8.14 0.79 15.58
C MET D 144 7.44 0.51 14.24
N ASP D 145 6.55 1.39 13.82
CA ASP D 145 5.83 1.26 12.55
C ASP D 145 6.69 1.98 11.50
N ASP D 146 7.89 1.42 11.25
CA ASP D 146 8.87 2.10 10.43
C ASP D 146 9.72 1.05 9.71
N ALA D 147 9.63 1.00 8.38
CA ALA D 147 10.35 0.01 7.55
C ALA D 147 11.84 -0.03 7.84
N ARG D 148 12.52 1.14 7.82
CA ARG D 148 13.96 1.16 8.03
C ARG D 148 14.38 0.79 9.44
N GLU D 149 13.60 1.19 10.47
CA GLU D 149 13.98 0.82 11.82
C GLU D 149 13.81 -0.68 12.07
N VAL D 150 12.70 -1.27 11.60
CA VAL D 150 12.44 -2.71 11.78
C VAL D 150 13.49 -3.55 11.02
N PHE D 151 13.82 -3.13 9.81
CA PHE D 151 14.89 -3.81 9.04
C PHE D 151 16.24 -3.61 9.68
N HIS D 152 16.49 -2.43 10.28
CA HIS D 152 17.77 -2.10 10.94
C HIS D 152 18.06 -3.18 12.01
N ILE D 153 17.07 -3.53 12.84
CA ILE D 153 17.29 -4.49 13.93
C ILE D 153 17.61 -5.89 13.39
N ALA D 154 16.95 -6.33 12.30
CA ALA D 154 17.20 -7.65 11.72
C ALA D 154 18.56 -7.67 11.00
N LEU D 155 18.90 -6.58 10.26
CA LEU D 155 20.18 -6.49 9.57
C LEU D 155 21.32 -6.48 10.59
N SER D 156 21.14 -5.76 11.72
CA SER D 156 22.11 -5.73 12.81
C SER D 156 22.28 -7.16 13.36
N LYS D 157 21.16 -7.87 13.64
CA LYS D 157 21.18 -9.26 14.15
C LYS D 157 21.99 -10.18 13.21
N LEU D 158 21.81 -9.99 11.90
CA LEU D 158 22.48 -10.82 10.88
C LEU D 158 23.94 -10.42 10.59
N GLY D 159 24.38 -9.28 11.12
CA GLY D 159 25.74 -8.78 10.92
C GLY D 159 25.91 -8.02 9.61
N TYR D 160 24.79 -7.58 9.02
CA TYR D 160 24.80 -6.79 7.78
C TYR D 160 24.65 -5.32 8.12
N SER D 161 25.00 -4.45 7.18
CA SER D 161 24.80 -3.03 7.46
C SER D 161 23.32 -2.70 7.55
N PRO D 162 22.90 -1.96 8.61
CA PRO D 162 21.50 -1.47 8.66
C PRO D 162 21.18 -0.48 7.52
N ASN D 163 22.19 -0.07 6.73
CA ASN D 163 22.05 0.83 5.58
C ASN D 163 22.43 0.12 4.27
N THR D 164 22.31 -1.23 4.23
CA THR D 164 22.67 -1.98 3.03
C THR D 164 21.78 -1.62 1.84
N THR D 165 22.35 -1.72 0.64
CA THR D 165 21.60 -1.57 -0.61
C THR D 165 21.65 -2.91 -1.34
N ASN D 166 22.13 -3.99 -0.65
CA ASN D 166 22.25 -5.33 -1.23
C ASN D 166 20.89 -6.05 -1.13
N PRO D 167 20.19 -6.29 -2.28
CA PRO D 167 18.85 -6.92 -2.21
C PRO D 167 18.81 -8.30 -1.54
N LYS D 168 19.90 -9.07 -1.65
CA LYS D 168 20.03 -10.39 -1.01
C LYS D 168 20.05 -10.25 0.53
N GLU D 169 20.75 -9.21 1.05
CA GLU D 169 20.81 -8.95 2.49
C GLU D 169 19.46 -8.43 2.98
N ILE D 170 18.80 -7.59 2.17
CA ILE D 170 17.47 -7.08 2.53
C ILE D 170 16.49 -8.25 2.65
N LYS D 171 16.52 -9.16 1.68
CA LYS D 171 15.66 -10.34 1.67
C LYS D 171 15.97 -11.25 2.86
N ALA D 172 17.27 -11.44 3.20
CA ALA D 172 17.68 -12.25 4.37
C ALA D 172 17.10 -11.62 5.67
N ALA D 173 17.10 -10.27 5.78
CA ALA D 173 16.52 -9.55 6.94
C ALA D 173 14.99 -9.78 6.97
N TYR D 174 14.35 -9.79 5.80
CA TYR D 174 12.91 -10.04 5.70
C TYR D 174 12.59 -11.47 6.24
N ARG D 175 13.37 -12.47 5.82
CA ARG D 175 13.17 -13.86 6.28
C ARG D 175 13.38 -13.93 7.81
N GLU D 176 14.37 -13.17 8.31
CA GLU D 176 14.67 -13.14 9.74
C GLU D 176 13.48 -12.49 10.50
N LEU D 177 12.92 -11.42 9.94
CA LEU D 177 11.78 -10.71 10.54
C LEU D 177 10.52 -11.56 10.56
N LYS D 178 10.33 -12.45 9.56
CA LYS D 178 9.19 -13.38 9.56
C LYS D 178 9.21 -14.26 10.82
N LYS D 179 10.41 -14.63 11.29
CA LYS D 179 10.57 -15.45 12.51
C LYS D 179 10.29 -14.61 13.78
N LEU D 180 10.40 -13.29 13.69
CA LEU D 180 10.10 -12.39 14.84
C LEU D 180 8.60 -12.10 14.95
N MET D 181 7.86 -12.18 13.83
CA MET D 181 6.43 -11.84 13.82
C MET D 181 5.58 -12.56 14.89
N PRO D 182 5.78 -13.85 15.25
CA PRO D 182 5.01 -14.44 16.38
C PRO D 182 5.20 -13.74 17.74
N ASN D 183 6.26 -12.92 17.89
CA ASN D 183 6.48 -12.18 19.15
C ASN D 183 5.88 -10.77 19.10
N VAL D 184 5.37 -10.37 17.93
CA VAL D 184 4.89 -8.98 17.73
C VAL D 184 3.41 -8.86 17.98
N LEU D 185 3.07 -7.98 18.94
CA LEU D 185 1.67 -7.69 19.23
C LEU D 185 1.19 -6.51 18.38
N VAL D 186 2.01 -5.47 18.28
CA VAL D 186 1.61 -4.24 17.58
C VAL D 186 2.80 -3.48 17.00
N PHE D 187 2.52 -2.70 15.94
CA PHE D 187 3.47 -1.76 15.33
C PHE D 187 2.95 -0.37 15.66
N ASN D 188 3.77 0.51 16.22
CA ASN D 188 3.26 1.84 16.58
C ASN D 188 4.36 2.88 16.52
N SER D 189 4.18 3.92 15.70
CA SER D 189 5.16 5.03 15.62
C SER D 189 4.39 6.33 15.83
N ASP D 190 3.11 6.20 16.13
CA ASP D 190 2.24 7.35 16.34
C ASP D 190 2.39 7.88 17.77
N PHE D 191 2.00 7.11 18.77
CA PHE D 191 2.29 7.51 20.16
C PHE D 191 2.84 6.25 20.82
N PRO D 192 4.11 5.92 20.53
CA PRO D 192 4.67 4.63 21.00
C PRO D 192 4.74 4.43 22.51
N ALA D 193 4.71 5.49 23.30
CA ALA D 193 4.68 5.34 24.76
C ALA D 193 3.32 4.76 25.21
N ASN D 194 2.22 5.03 24.46
CA ASN D 194 0.86 4.61 24.84
C ASN D 194 0.72 3.10 25.11
N PRO D 195 1.18 2.14 24.24
CA PRO D 195 1.07 0.71 24.60
C PRO D 195 1.83 0.33 25.88
N TYR D 196 2.95 1.03 26.21
CA TYR D 196 3.72 0.77 27.44
C TYR D 196 2.94 1.37 28.63
N LEU D 197 2.42 2.59 28.48
CA LEU D 197 1.63 3.28 29.52
C LEU D 197 0.34 2.52 29.88
N ALA D 198 -0.32 1.94 28.87
CA ALA D 198 -1.57 1.17 29.02
C ALA D 198 -1.36 -0.24 29.58
N GLY D 199 -0.10 -0.71 29.60
CA GLY D 199 0.22 -2.05 30.06
C GLY D 199 -0.08 -3.11 29.02
N GLU D 200 -0.23 -2.71 27.75
CA GLU D 200 -0.51 -3.61 26.62
C GLU D 200 0.76 -4.36 26.25
N VAL D 201 1.92 -3.69 26.42
CA VAL D 201 3.24 -4.28 26.19
C VAL D 201 4.14 -3.88 27.33
N SER D 202 5.10 -4.74 27.62
CA SER D 202 6.11 -4.52 28.64
C SER D 202 7.52 -4.42 28.01
N LEU D 203 7.63 -4.69 26.69
CA LEU D 203 8.91 -4.78 25.99
C LEU D 203 8.71 -4.50 24.51
N GLY D 204 9.78 -4.09 23.85
CA GLY D 204 9.78 -3.88 22.40
C GLY D 204 10.77 -2.82 22.00
N MET D 205 10.62 -2.28 20.79
CA MET D 205 11.45 -1.16 20.38
C MET D 205 10.82 0.08 20.99
N LEU D 206 11.64 1.10 21.29
CA LEU D 206 11.09 2.37 21.77
C LEU D 206 12.11 3.48 21.56
N TRP D 207 11.60 4.66 21.18
CA TRP D 207 12.40 5.86 21.01
C TRP D 207 12.75 6.41 22.39
N ASN D 208 13.94 7.05 22.51
CA ASN D 208 14.35 7.67 23.79
C ASN D 208 13.30 8.70 24.33
N GLY D 209 12.82 9.60 23.45
CA GLY D 209 11.83 10.62 23.85
C GLY D 209 10.54 10.01 24.34
N SER D 210 10.01 9.00 23.60
CA SER D 210 8.78 8.31 24.00
C SER D 210 8.93 7.68 25.40
N ALA D 211 10.08 7.06 25.67
CA ALA D 211 10.33 6.43 26.98
C ALA D 211 10.34 7.48 28.11
N TYR D 212 10.97 8.63 27.85
CA TYR D 212 11.01 9.74 28.80
C TYR D 212 9.59 10.23 29.08
N MET D 213 8.79 10.44 28.01
CA MET D 213 7.40 10.90 28.18
C MET D 213 6.58 9.93 29.03
N ALA D 214 6.82 8.60 28.88
CA ALA D 214 6.13 7.60 29.69
C ALA D 214 6.55 7.72 31.16
N ARG D 215 7.86 7.96 31.42
CA ARG D 215 8.38 8.19 32.79
C ARG D 215 7.80 9.45 33.42
N GLN D 216 7.60 10.50 32.62
CA GLN D 216 7.02 11.77 33.08
C GLN D 216 5.56 11.61 33.51
N GLU D 217 4.86 10.58 32.98
CA GLU D 217 3.48 10.23 33.33
C GLU D 217 3.43 9.22 34.51
N GLY D 218 4.59 8.91 35.08
CA GLY D 218 4.75 8.02 36.23
C GLY D 218 5.00 6.56 35.96
N ALA D 219 5.14 6.15 34.68
CA ALA D 219 5.36 4.76 34.30
C ALA D 219 6.84 4.35 34.35
N PRO D 220 7.17 3.14 34.84
CA PRO D 220 8.59 2.74 34.93
C PRO D 220 9.10 2.19 33.60
N ILE D 221 9.13 3.06 32.58
CA ILE D 221 9.57 2.67 31.24
C ILE D 221 10.98 3.14 30.97
N GLN D 222 11.90 2.20 30.99
CA GLN D 222 13.31 2.48 30.77
C GLN D 222 13.72 2.05 29.37
N ILE D 223 14.93 2.45 28.96
CA ILE D 223 15.49 2.12 27.67
C ILE D 223 16.79 1.34 27.87
N ILE D 224 16.94 0.23 27.16
CA ILE D 224 18.16 -0.57 27.17
C ILE D 224 18.79 -0.27 25.83
N TRP D 225 20.06 0.16 25.84
CA TRP D 225 20.74 0.42 24.56
C TRP D 225 21.39 -0.91 24.10
N PRO D 226 20.92 -1.49 22.98
CA PRO D 226 21.54 -2.74 22.49
C PRO D 226 23.07 -2.59 22.40
N GLU D 227 23.81 -3.63 22.78
CA GLU D 227 25.29 -3.58 22.79
C GLU D 227 25.90 -3.09 21.47
N LYS D 228 25.26 -3.48 20.37
CA LYS D 228 25.61 -2.98 19.05
C LYS D 228 24.30 -2.72 18.30
N GLY D 229 24.36 -1.83 17.35
CA GLY D 229 23.23 -1.59 16.46
C GLY D 229 22.12 -0.70 16.97
N THR D 230 22.38 0.10 18.06
CA THR D 230 21.37 1.11 18.48
C THR D 230 21.12 2.01 17.26
N ILE D 231 19.84 2.37 17.04
CA ILE D 231 19.45 3.20 15.91
C ILE D 231 19.59 4.66 16.26
N PHE D 232 20.28 5.45 15.43
CA PHE D 232 20.37 6.89 15.59
C PHE D 232 19.73 7.53 14.37
N TRP D 233 18.98 8.59 14.58
CA TRP D 233 18.32 9.28 13.48
C TRP D 233 18.18 10.77 13.78
N MET D 234 17.97 11.54 12.73
CA MET D 234 17.72 12.97 12.89
C MET D 234 16.61 13.39 11.93
N ASP D 235 15.69 14.20 12.44
CA ASP D 235 14.60 14.81 11.67
C ASP D 235 14.95 16.26 11.42
N SER D 236 14.74 16.71 10.19
CA SER D 236 15.05 18.09 9.79
C SER D 236 13.81 18.70 9.17
N ILE D 237 13.70 20.03 9.23
CA ILE D 237 12.56 20.74 8.65
C ILE D 237 12.91 21.16 7.23
N SER D 238 11.95 20.96 6.31
CA SER D 238 12.09 21.31 4.90
C SER D 238 10.84 22.05 4.42
N ILE D 239 10.98 22.76 3.33
CA ILE D 239 9.89 23.52 2.71
C ILE D 239 9.52 22.83 1.39
N PRO D 240 8.29 22.30 1.27
CA PRO D 240 7.89 21.65 -0.01
C PRO D 240 7.91 22.62 -1.19
N ALA D 241 8.20 22.07 -2.38
CA ALA D 241 8.29 22.85 -3.61
C ALA D 241 7.08 23.75 -3.89
N GLY D 242 5.87 23.28 -3.60
CA GLY D 242 4.72 24.13 -3.96
C GLY D 242 4.19 25.02 -2.85
N ALA D 243 4.98 25.22 -1.75
CA ALA D 243 4.54 25.99 -0.57
C ALA D 243 4.01 27.39 -0.93
N LYS D 244 2.85 27.76 -0.39
CA LYS D 244 2.27 29.08 -0.67
C LYS D 244 2.64 30.12 0.39
N ASN D 245 2.95 29.66 1.60
CA ASN D 245 3.25 30.53 2.73
C ASN D 245 4.72 30.43 3.17
N ILE D 246 5.62 30.88 2.28
CA ILE D 246 7.07 30.81 2.45
C ILE D 246 7.56 31.66 3.63
N GLU D 247 7.00 32.86 3.82
CA GLU D 247 7.42 33.73 4.94
C GLU D 247 7.02 33.10 6.26
N ALA D 248 5.77 32.57 6.33
CA ALA D 248 5.27 31.87 7.52
C ALA D 248 6.16 30.63 7.79
N ALA D 249 6.56 29.88 6.73
CA ALA D 249 7.40 28.67 6.86
C ALA D 249 8.74 29.03 7.51
N HIS D 250 9.41 30.11 7.05
CA HIS D 250 10.67 30.53 7.67
C HIS D 250 10.44 31.04 9.11
N LYS D 251 9.32 31.75 9.37
CA LYS D 251 9.01 32.24 10.72
C LYS D 251 8.86 31.08 11.69
N MET D 252 8.18 29.99 11.26
CA MET D 252 8.02 28.82 12.13
C MET D 252 9.37 28.11 12.36
N ILE D 253 10.20 27.92 11.31
CA ILE D 253 11.52 27.27 11.50
C ILE D 253 12.32 28.11 12.54
N ASP D 254 12.40 29.43 12.33
CA ASP D 254 13.13 30.30 13.25
C ASP D 254 12.56 30.29 14.67
N PHE D 255 11.24 30.18 14.80
CA PHE D 255 10.55 30.10 16.09
C PHE D 255 10.98 28.82 16.82
N LEU D 256 11.07 27.70 16.08
CA LEU D 256 11.49 26.42 16.67
C LEU D 256 12.97 26.40 17.00
N LEU D 257 13.80 27.16 16.22
CA LEU D 257 15.24 27.28 16.46
C LEU D 257 15.54 28.14 17.68
N ARG D 258 14.63 29.07 18.02
CA ARG D 258 14.82 29.97 19.16
C ARG D 258 15.20 29.12 20.38
N PRO D 259 16.40 29.37 20.95
CA PRO D 259 16.90 28.51 22.02
C PRO D 259 15.94 28.28 23.19
N GLU D 260 15.20 29.31 23.66
CA GLU D 260 14.25 29.16 24.77
C GLU D 260 13.11 28.21 24.39
N ASN D 261 12.67 28.26 23.11
CA ASN D 261 11.63 27.35 22.60
C ASN D 261 12.15 25.93 22.44
N ALA D 262 13.32 25.75 21.79
CA ALA D 262 13.89 24.42 21.60
C ALA D 262 14.17 23.73 22.95
N ALA D 263 14.67 24.47 23.95
CA ALA D 263 14.94 23.90 25.28
C ALA D 263 13.63 23.50 26.01
N LYS D 264 12.63 24.41 26.02
CA LYS D 264 11.34 24.16 26.68
C LYS D 264 10.68 22.90 26.06
N ILE D 265 10.68 22.84 24.70
CA ILE D 265 10.09 21.68 24.00
C ILE D 265 10.85 20.38 24.35
N ALA D 266 12.20 20.41 24.32
CA ALA D 266 13.01 19.24 24.63
C ALA D 266 12.66 18.65 26.01
N LEU D 267 12.45 19.54 27.02
CA LEU D 267 12.07 19.09 28.36
C LEU D 267 10.68 18.46 28.43
N GLU D 268 9.80 18.84 27.51
CA GLU D 268 8.46 18.25 27.44
C GLU D 268 8.41 16.94 26.69
N ILE D 269 9.16 16.84 25.58
CA ILE D 269 9.06 15.68 24.67
C ILE D 269 10.17 14.62 24.86
N GLY D 270 11.23 14.95 25.60
CA GLY D 270 12.29 13.99 25.93
C GLY D 270 13.31 13.70 24.87
N TYR D 271 13.36 14.51 23.81
CA TYR D 271 14.32 14.30 22.74
C TYR D 271 15.47 15.29 22.80
N PRO D 272 16.68 14.84 22.45
CA PRO D 272 17.80 15.77 22.27
C PRO D 272 17.51 16.85 21.21
N THR D 273 18.25 17.94 21.29
CA THR D 273 18.13 19.06 20.35
C THR D 273 19.47 19.34 19.67
N PRO D 274 19.46 19.53 18.34
CA PRO D 274 20.68 19.94 17.63
C PRO D 274 20.92 21.46 17.71
N VAL D 275 20.08 22.19 18.49
CA VAL D 275 20.27 23.63 18.67
C VAL D 275 21.24 23.74 19.85
N LYS D 276 22.52 24.03 19.55
CA LYS D 276 23.58 24.11 20.57
C LYS D 276 23.24 25.03 21.73
N THR D 277 22.78 26.25 21.41
CA THR D 277 22.44 27.28 22.41
C THR D 277 21.35 26.77 23.34
N ALA D 278 20.36 26.02 22.81
CA ALA D 278 19.28 25.40 23.58
C ALA D 278 19.82 24.27 24.45
N HIS D 279 20.67 23.37 23.87
CA HIS D 279 21.30 22.25 24.60
C HIS D 279 22.01 22.77 25.85
N ASP D 280 22.70 23.92 25.71
CA ASP D 280 23.41 24.58 26.84
C ASP D 280 22.47 25.16 27.90
N LEU D 281 21.21 25.45 27.54
CA LEU D 281 20.20 25.95 28.50
C LEU D 281 19.55 24.82 29.30
N LEU D 282 19.63 23.57 28.79
CA LEU D 282 18.98 22.44 29.43
C LEU D 282 19.52 22.14 30.84
N PRO D 283 18.64 21.71 31.78
CA PRO D 283 19.14 21.24 33.08
C PRO D 283 20.10 20.10 32.90
N LYS D 284 21.21 20.14 33.67
CA LYS D 284 22.27 19.13 33.62
C LYS D 284 21.74 17.70 33.79
N GLU D 285 20.71 17.53 34.65
CA GLU D 285 20.05 16.26 34.93
C GLU D 285 19.43 15.64 33.66
N PHE D 286 18.90 16.47 32.77
CA PHE D 286 18.31 16.04 31.51
C PHE D 286 19.39 15.88 30.45
N ALA D 287 20.25 16.92 30.29
CA ALA D 287 21.34 16.95 29.31
C ALA D 287 22.34 15.80 29.44
N ASN D 288 22.56 15.31 30.67
CA ASN D 288 23.50 14.21 30.92
C ASN D 288 22.80 12.88 31.27
N ASP D 289 21.49 12.80 31.04
CA ASP D 289 20.74 11.58 31.28
C ASP D 289 21.08 10.58 30.13
N PRO D 290 21.73 9.42 30.44
CA PRO D 290 22.11 8.46 29.38
C PRO D 290 20.93 7.76 28.68
N SER D 291 19.70 7.90 29.21
CA SER D 291 18.50 7.34 28.56
C SER D 291 17.93 8.33 27.52
N ILE D 292 18.46 9.55 27.53
CA ILE D 292 18.07 10.61 26.60
C ILE D 292 19.24 10.86 25.61
N TYR D 293 20.41 11.22 26.14
CA TYR D 293 21.61 11.48 25.34
C TYR D 293 22.46 10.24 25.53
N PRO D 294 22.40 9.21 24.63
CA PRO D 294 23.14 7.97 24.91
C PRO D 294 24.65 8.19 25.03
N PRO D 295 25.32 7.34 25.82
CA PRO D 295 26.79 7.49 25.95
C PRO D 295 27.49 7.34 24.60
N GLN D 296 28.67 7.97 24.44
CA GLN D 296 29.48 7.87 23.20
C GLN D 296 29.70 6.43 22.72
N SER D 297 29.99 5.47 23.64
CA SER D 297 30.18 4.05 23.27
C SER D 297 28.92 3.47 22.55
N VAL D 298 27.71 3.86 22.98
CA VAL D 298 26.43 3.43 22.37
C VAL D 298 26.34 4.02 20.95
N ILE D 299 26.70 5.29 20.82
CA ILE D 299 26.71 5.97 19.50
C ILE D 299 27.70 5.24 18.55
N ASP D 300 28.92 5.02 19.03
CA ASP D 300 29.97 4.37 18.25
C ASP D 300 29.65 2.96 17.82
N ASN D 301 28.94 2.18 18.67
CA ASN D 301 28.55 0.81 18.35
C ASN D 301 27.21 0.71 17.63
N GLY D 302 26.53 1.85 17.54
CA GLY D 302 25.23 1.97 16.86
C GLY D 302 25.44 2.50 15.45
N GLU D 303 24.35 2.82 14.75
CA GLU D 303 24.47 3.37 13.39
C GLU D 303 23.44 4.45 13.16
N TRP D 304 23.86 5.53 12.50
CA TRP D 304 22.92 6.56 12.04
C TRP D 304 22.22 5.98 10.81
N GLN D 305 20.91 6.20 10.72
CA GLN D 305 20.12 5.77 9.57
C GLN D 305 20.52 6.65 8.38
N ASP D 306 20.91 5.98 7.31
CA ASP D 306 21.38 6.61 6.09
C ASP D 306 20.53 6.25 4.89
N GLU D 307 20.64 7.06 3.81
CA GLU D 307 19.93 6.83 2.55
C GLU D 307 20.38 5.47 1.95
N VAL D 308 19.47 4.84 1.21
CA VAL D 308 19.74 3.53 0.56
C VAL D 308 19.41 3.64 -0.93
N GLY D 309 19.31 4.88 -1.43
CA GLY D 309 18.98 5.15 -2.82
C GLY D 309 17.69 4.49 -3.24
N GLU D 310 17.70 3.90 -4.44
CA GLU D 310 16.56 3.20 -5.03
C GLU D 310 16.18 1.88 -4.31
N ALA D 311 17.04 1.38 -3.39
CA ALA D 311 16.74 0.17 -2.58
C ALA D 311 15.61 0.44 -1.55
N SER D 312 15.25 1.73 -1.35
CA SER D 312 14.16 2.11 -0.44
C SER D 312 12.84 1.38 -0.81
N VAL D 313 12.62 1.11 -2.13
CA VAL D 313 11.41 0.41 -2.58
CA VAL D 313 11.43 0.39 -2.62
C VAL D 313 11.36 -1.02 -2.03
N LEU D 314 12.52 -1.72 -1.93
CA LEU D 314 12.57 -3.08 -1.38
C LEU D 314 12.25 -3.11 0.10
N TYR D 315 12.84 -2.18 0.88
CA TYR D 315 12.55 -2.08 2.30
C TYR D 315 11.03 -1.89 2.53
N ASP D 316 10.40 -0.97 1.78
CA ASP D 316 8.96 -0.66 1.91
C ASP D 316 8.09 -1.84 1.55
N GLU D 317 8.41 -2.51 0.43
CA GLU D 317 7.65 -3.65 -0.10
C GLU D 317 7.67 -4.80 0.91
N TYR D 318 8.86 -5.12 1.44
CA TYR D 318 8.98 -6.22 2.40
C TYR D 318 8.34 -5.88 3.73
N PHE D 319 8.49 -4.62 4.18
CA PHE D 319 7.90 -4.23 5.45
C PHE D 319 6.35 -4.30 5.37
N GLN D 320 5.79 -3.87 4.24
CA GLN D 320 4.33 -3.95 4.04
C GLN D 320 3.86 -5.40 4.06
N LYS D 321 4.64 -6.33 3.48
CA LYS D 321 4.38 -7.79 3.49
C LYS D 321 4.36 -8.31 4.92
N LEU D 322 5.33 -7.88 5.77
CA LEU D 322 5.41 -8.29 7.18
C LEU D 322 4.17 -7.88 7.97
N LYS D 323 3.68 -6.66 7.74
CA LYS D 323 2.51 -6.15 8.45
C LYS D 323 1.20 -6.83 8.06
N VAL D 324 1.10 -7.32 6.81
CA VAL D 324 -0.12 -7.96 6.28
C VAL D 324 -0.22 -9.44 6.66
#